data_6YED
#
_entry.id   6YED
#
_cell.length_a   76.220
_cell.length_b   53.450
_cell.length_c   88.130
_cell.angle_alpha   90.000
_cell.angle_beta   111.593
_cell.angle_gamma   90.000
#
_symmetry.space_group_name_H-M   'P 1 21 1'
#
loop_
_entity.id
_entity.type
_entity.pdbx_description
1 polymer 'Putrescine-binding periplasmic protein'
2 non-polymer 'TRIETHYLENE GLYCOL'
3 non-polymer DI(HYDROXYETHYL)ETHER
4 non-polymer 1,2-ETHANEDIOL
5 non-polymer 'CHLORIDE ION'
6 water water
#
_entity_poly.entity_id   1
_entity_poly.type   'polypeptide(L)'
_entity_poly.pdbx_seq_one_letter_code
;AEQKTLHIYNWSDYIAPDTVANFEKETGIKVVYDVFDSNEVLEGKLMAGSTGFDLVVPSASFLERQLTAGVFQPLDKSKL
PEWKNLDPELLKLVAKHDPDNKFAMPYMWATTGIGYNVDKVKAVLGENAPVDSWDLILKPENLEKLKSCGVSFLDAPEEV
FATVLNYLGKDPNSTKADDYTGPATDLLLKLRPNIRYFHSSQYINDLANGDICVAIGWAGDVWQASNRAKEAKNGVNVSF
SIPKEGAMAFFDVFAMPADAKNKDEAYQFLNYLLRPDVVAHISDHVFYANANKAATPLVSAEVRENPGIYPPADVRAKLF
TLKVQDPKIDRVRTRAWTKVKSGKLEHHHHHH
;
_entity_poly.pdbx_strand_id   A,B
#
# COMPACT_ATOMS: atom_id res chain seq x y z
N GLN A 3 20.01 -22.91 -22.59
CA GLN A 3 19.13 -23.60 -23.53
C GLN A 3 17.70 -23.65 -23.02
N LYS A 4 17.51 -23.28 -21.75
CA LYS A 4 16.19 -23.29 -21.14
C LYS A 4 15.36 -22.13 -21.69
N THR A 5 14.22 -22.46 -22.30
CA THR A 5 13.39 -21.49 -22.99
C THR A 5 11.96 -21.56 -22.46
N LEU A 6 11.30 -20.41 -22.38
CA LEU A 6 9.90 -20.32 -21.98
C LEU A 6 9.27 -19.13 -22.68
N HIS A 7 8.15 -19.37 -23.35
CA HIS A 7 7.49 -18.35 -24.18
C HIS A 7 6.11 -18.05 -23.59
N ILE A 8 5.92 -16.82 -23.14
CA ILE A 8 4.70 -16.41 -22.46
C ILE A 8 4.00 -15.34 -23.28
N TYR A 9 2.66 -15.39 -23.28
CA TYR A 9 1.82 -14.40 -23.96
C TYR A 9 0.79 -13.88 -22.96
N ASN A 10 0.88 -12.59 -22.64
CA ASN A 10 0.07 -12.00 -21.58
C ASN A 10 -0.38 -10.60 -22.00
N TRP A 11 -1.33 -10.05 -21.24
CA TRP A 11 -1.70 -8.65 -21.43
C TRP A 11 -0.51 -7.75 -21.13
N SER A 12 -0.52 -6.57 -21.73
CA SER A 12 0.50 -5.57 -21.42
C SER A 12 0.29 -5.05 -20.01
N ASP A 13 1.39 -4.84 -19.29
CA ASP A 13 1.38 -4.30 -17.93
C ASP A 13 0.47 -5.12 -17.02
N TYR A 14 0.43 -6.43 -17.26
CA TYR A 14 -0.36 -7.36 -16.47
C TYR A 14 0.51 -8.23 -15.57
N ILE A 15 1.69 -7.72 -15.21
CA ILE A 15 2.62 -8.44 -14.35
C ILE A 15 3.51 -7.39 -13.69
N ALA A 16 4.09 -7.75 -12.55
CA ALA A 16 4.99 -6.84 -11.87
C ALA A 16 6.25 -6.63 -12.72
N PRO A 17 6.84 -5.43 -12.68
CA PRO A 17 7.96 -5.14 -13.57
C PRO A 17 9.17 -6.05 -13.41
N ASP A 18 9.32 -6.72 -12.27
CA ASP A 18 10.50 -7.54 -12.02
C ASP A 18 10.19 -9.02 -11.84
N THR A 19 8.96 -9.46 -12.13
CA THR A 19 8.62 -10.86 -11.95
C THR A 19 9.44 -11.75 -12.87
N VAL A 20 9.44 -11.45 -14.16
CA VAL A 20 10.16 -12.27 -15.13
C VAL A 20 11.66 -12.24 -14.85
N ALA A 21 12.19 -11.08 -14.47
CA ALA A 21 13.61 -10.98 -14.19
C ALA A 21 14.01 -11.83 -12.99
N ASN A 22 13.20 -11.80 -11.92
CA ASN A 22 13.49 -12.62 -10.76
C ASN A 22 13.38 -14.10 -11.09
N PHE A 23 12.36 -14.49 -11.86
CA PHE A 23 12.23 -15.89 -12.26
C PHE A 23 13.44 -16.35 -13.07
N GLU A 24 13.91 -15.49 -13.99
CA GLU A 24 15.06 -15.84 -14.81
C GLU A 24 16.33 -15.96 -13.95
N LYS A 25 16.54 -15.00 -13.05
CA LYS A 25 17.72 -15.05 -12.19
C LYS A 25 17.71 -16.26 -11.27
N GLU A 26 16.53 -16.69 -10.82
CA GLU A 26 16.46 -17.82 -9.89
C GLU A 26 16.57 -19.15 -10.62
N THR A 27 15.91 -19.29 -11.77
CA THR A 27 15.84 -20.57 -12.45
C THR A 27 16.86 -20.74 -13.56
N GLY A 28 17.42 -19.65 -14.09
CA GLY A 28 18.31 -19.75 -15.21
C GLY A 28 17.64 -19.93 -16.55
N ILE A 29 16.32 -19.82 -16.61
CA ILE A 29 15.55 -19.98 -17.84
C ILE A 29 15.49 -18.64 -18.55
N LYS A 30 15.57 -18.67 -19.88
CA LYS A 30 15.41 -17.48 -20.70
C LYS A 30 13.94 -17.37 -21.10
N VAL A 31 13.24 -16.37 -20.55
CA VAL A 31 11.81 -16.19 -20.78
C VAL A 31 11.62 -15.19 -21.91
N VAL A 32 10.90 -15.60 -22.94
CA VAL A 32 10.49 -14.72 -24.03
C VAL A 32 9.09 -14.24 -23.68
N TYR A 33 8.99 -13.00 -23.21
CA TYR A 33 7.74 -12.44 -22.70
C TYR A 33 7.17 -11.48 -23.73
N ASP A 34 6.14 -11.94 -24.45
CA ASP A 34 5.44 -11.13 -25.43
C ASP A 34 4.08 -10.71 -24.87
N VAL A 35 3.61 -9.55 -25.32
CA VAL A 35 2.37 -8.97 -24.81
C VAL A 35 1.41 -8.69 -25.97
N PHE A 36 0.13 -8.59 -25.62
CA PHE A 36 -0.91 -8.18 -26.54
C PHE A 36 -1.80 -7.14 -25.87
N ASP A 37 -2.37 -6.26 -26.67
CA ASP A 37 -3.23 -5.19 -26.18
C ASP A 37 -4.70 -5.46 -26.43
N SER A 38 -5.05 -6.60 -27.00
CA SER A 38 -6.44 -6.92 -27.30
C SER A 38 -6.64 -8.42 -27.25
N ASN A 39 -7.75 -8.85 -26.66
CA ASN A 39 -8.04 -10.27 -26.54
C ASN A 39 -8.30 -10.93 -27.88
N GLU A 40 -8.72 -10.15 -28.89
CA GLU A 40 -8.97 -10.72 -30.20
C GLU A 40 -7.71 -11.34 -30.79
N VAL A 41 -6.57 -10.68 -30.62
CA VAL A 41 -5.31 -11.20 -31.15
C VAL A 41 -4.98 -12.55 -30.52
N LEU A 42 -5.04 -12.62 -29.18
CA LEU A 42 -4.72 -13.85 -28.48
C LEU A 42 -5.68 -14.98 -28.88
N GLU A 43 -6.97 -14.68 -28.94
CA GLU A 43 -7.94 -15.73 -29.25
C GLU A 43 -7.81 -16.21 -30.69
N GLY A 44 -7.58 -15.30 -31.63
CA GLY A 44 -7.37 -15.70 -33.01
C GLY A 44 -6.12 -16.54 -33.17
N LYS A 45 -5.03 -16.15 -32.51
CA LYS A 45 -3.81 -16.94 -32.59
C LYS A 45 -4.01 -18.32 -31.96
N LEU A 46 -4.72 -18.39 -30.83
CA LEU A 46 -4.93 -19.66 -30.15
C LEU A 46 -5.78 -20.60 -30.99
N MET A 47 -6.84 -20.08 -31.62
CA MET A 47 -7.68 -20.91 -32.45
C MET A 47 -7.06 -21.20 -33.81
N ALA A 48 -6.04 -20.43 -34.23
CA ALA A 48 -5.31 -20.77 -35.44
C ALA A 48 -4.34 -21.91 -35.21
N GLY A 49 -3.83 -22.06 -33.98
CA GLY A 49 -2.95 -23.16 -33.64
C GLY A 49 -1.49 -22.85 -33.91
N SER A 50 -0.63 -23.69 -33.31
CA SER A 50 0.82 -23.60 -33.48
C SER A 50 1.33 -22.19 -33.18
N THR A 51 0.95 -21.68 -32.00
CA THR A 51 1.32 -20.33 -31.61
C THR A 51 2.77 -20.21 -31.17
N GLY A 52 3.40 -21.31 -30.77
CA GLY A 52 4.74 -21.26 -30.23
C GLY A 52 4.84 -20.79 -28.80
N PHE A 53 3.71 -20.60 -28.12
CA PHE A 53 3.68 -20.17 -26.73
C PHE A 53 3.56 -21.37 -25.81
N ASP A 54 4.25 -21.31 -24.67
CA ASP A 54 4.11 -22.33 -23.64
C ASP A 54 3.05 -21.97 -22.61
N LEU A 55 2.86 -20.69 -22.35
CA LEU A 55 1.84 -20.22 -21.41
C LEU A 55 1.14 -19.01 -22.02
N VAL A 56 -0.19 -18.99 -21.91
CA VAL A 56 -1.00 -17.87 -22.37
C VAL A 56 -1.96 -17.48 -21.26
N VAL A 57 -2.46 -16.25 -21.35
CA VAL A 57 -3.37 -15.73 -20.33
C VAL A 57 -4.69 -15.32 -20.96
N PRO A 58 -5.58 -16.27 -21.26
CA PRO A 58 -6.90 -15.93 -21.81
C PRO A 58 -7.92 -15.74 -20.70
N SER A 59 -9.11 -15.30 -21.11
CA SER A 59 -10.23 -15.23 -20.18
C SER A 59 -10.76 -16.64 -19.90
N ALA A 60 -11.36 -16.81 -18.73
CA ALA A 60 -11.92 -18.11 -18.38
C ALA A 60 -13.11 -18.46 -19.26
N SER A 61 -13.84 -17.46 -19.76
CA SER A 61 -14.99 -17.74 -20.62
C SER A 61 -14.54 -18.25 -21.98
N PHE A 62 -13.48 -17.68 -22.54
CA PHE A 62 -12.93 -18.20 -23.80
C PHE A 62 -12.43 -19.62 -23.62
N LEU A 63 -11.72 -19.88 -22.52
CA LEU A 63 -11.26 -21.23 -22.22
C LEU A 63 -12.43 -22.20 -22.08
N GLU A 64 -13.54 -21.72 -21.50
CA GLU A 64 -14.74 -22.56 -21.43
C GLU A 64 -15.30 -22.84 -22.82
N ARG A 65 -15.33 -21.82 -23.69
CA ARG A 65 -15.78 -22.03 -25.05
C ARG A 65 -14.87 -22.97 -25.83
N GLN A 66 -13.61 -23.12 -25.41
CA GLN A 66 -12.64 -23.95 -26.11
C GLN A 66 -12.27 -25.20 -25.31
N LEU A 67 -13.22 -25.78 -24.58
CA LEU A 67 -12.91 -26.90 -23.70
C LEU A 67 -12.69 -28.21 -24.45
N THR A 68 -13.38 -28.40 -25.59
CA THR A 68 -13.31 -29.65 -26.33
C THR A 68 -12.52 -29.55 -27.62
N ALA A 69 -11.97 -28.37 -27.93
CA ALA A 69 -11.26 -28.18 -29.19
C ALA A 69 -9.80 -28.64 -29.14
N GLY A 70 -9.35 -29.17 -28.01
CA GLY A 70 -7.97 -29.62 -27.90
C GLY A 70 -6.95 -28.51 -27.99
N VAL A 71 -7.32 -27.28 -27.64
CA VAL A 71 -6.40 -26.16 -27.75
C VAL A 71 -5.48 -26.08 -26.54
N PHE A 72 -5.96 -26.44 -25.36
CA PHE A 72 -5.19 -26.35 -24.12
C PHE A 72 -4.83 -27.74 -23.61
N GLN A 73 -3.74 -27.81 -22.86
CA GLN A 73 -3.24 -29.01 -22.23
C GLN A 73 -3.73 -29.11 -20.80
N PRO A 74 -4.24 -30.27 -20.37
CA PRO A 74 -4.68 -30.39 -18.97
C PRO A 74 -3.50 -30.26 -18.02
N LEU A 75 -3.67 -29.40 -17.01
CA LEU A 75 -2.59 -29.09 -16.08
C LEU A 75 -2.28 -30.30 -15.21
N ASP A 76 -1.03 -30.74 -15.24
CA ASP A 76 -0.56 -31.81 -14.35
C ASP A 76 -0.48 -31.24 -12.94
N LYS A 77 -1.48 -31.56 -12.12
CA LYS A 77 -1.53 -31.04 -10.75
C LYS A 77 -0.39 -31.57 -9.89
N SER A 78 0.21 -32.71 -10.27
CA SER A 78 1.32 -33.25 -9.49
C SER A 78 2.57 -32.39 -9.60
N LYS A 79 2.71 -31.64 -10.69
CA LYS A 79 3.84 -30.75 -10.88
C LYS A 79 3.61 -29.37 -10.28
N LEU A 80 2.53 -29.18 -9.54
CA LEU A 80 2.19 -27.89 -8.93
C LEU A 80 1.86 -28.14 -7.45
N PRO A 81 2.89 -28.34 -6.61
CA PRO A 81 2.61 -28.60 -5.19
C PRO A 81 1.96 -27.43 -4.47
N GLU A 82 2.29 -26.20 -4.84
CA GLU A 82 1.74 -25.02 -4.18
C GLU A 82 0.33 -24.67 -4.65
N TRP A 83 -0.30 -25.53 -5.46
CA TRP A 83 -1.67 -25.33 -5.87
C TRP A 83 -2.62 -25.18 -4.68
N LYS A 84 -2.24 -25.73 -3.52
CA LYS A 84 -3.05 -25.60 -2.32
C LYS A 84 -3.20 -24.15 -1.86
N ASN A 85 -2.33 -23.25 -2.33
CA ASN A 85 -2.40 -21.86 -1.92
C ASN A 85 -3.61 -21.13 -2.51
N LEU A 86 -4.18 -21.64 -3.58
CA LEU A 86 -5.29 -20.97 -4.24
C LEU A 86 -6.54 -21.01 -3.37
N ASP A 87 -7.33 -19.95 -3.44
CA ASP A 87 -8.57 -19.86 -2.67
C ASP A 87 -9.56 -20.91 -3.16
N PRO A 88 -10.01 -21.83 -2.30
CA PRO A 88 -10.98 -22.83 -2.74
C PRO A 88 -12.30 -22.24 -3.20
N GLU A 89 -12.71 -21.09 -2.64
CA GLU A 89 -13.93 -20.44 -3.07
C GLU A 89 -13.80 -19.93 -4.51
N LEU A 90 -12.70 -19.21 -4.80
CA LEU A 90 -12.47 -18.73 -6.16
C LEU A 90 -12.23 -19.89 -7.12
N LEU A 91 -11.62 -20.98 -6.64
CA LEU A 91 -11.47 -22.17 -7.46
C LEU A 91 -12.83 -22.76 -7.83
N LYS A 92 -13.74 -22.85 -6.86
CA LYS A 92 -15.09 -23.30 -7.15
C LYS A 92 -15.79 -22.37 -8.14
N LEU A 93 -15.53 -21.06 -8.02
CA LEU A 93 -16.13 -20.11 -8.93
C LEU A 93 -15.65 -20.32 -10.37
N VAL A 94 -14.34 -20.50 -10.55
CA VAL A 94 -13.81 -20.69 -11.90
C VAL A 94 -14.05 -22.09 -12.43
N ALA A 95 -14.34 -23.05 -11.57
CA ALA A 95 -14.66 -24.40 -12.04
C ALA A 95 -15.91 -24.42 -12.91
N LYS A 96 -16.76 -23.40 -12.79
CA LYS A 96 -17.94 -23.32 -13.65
C LYS A 96 -17.55 -23.04 -15.10
N HIS A 97 -16.39 -22.40 -15.32
CA HIS A 97 -15.82 -22.27 -16.65
C HIS A 97 -14.84 -23.38 -16.99
N ASP A 98 -14.38 -24.13 -15.99
CA ASP A 98 -13.34 -25.13 -16.19
C ASP A 98 -13.54 -26.23 -15.14
N PRO A 99 -14.38 -27.21 -15.42
CA PRO A 99 -14.73 -28.22 -14.41
C PRO A 99 -13.50 -28.93 -13.87
N ASP A 100 -13.46 -29.09 -12.55
CA ASP A 100 -12.36 -29.72 -11.82
C ASP A 100 -11.05 -28.96 -11.97
N ASN A 101 -11.11 -27.69 -12.37
CA ASN A 101 -9.93 -26.84 -12.53
C ASN A 101 -8.87 -27.55 -13.36
N LYS A 102 -9.28 -28.04 -14.53
CA LYS A 102 -8.46 -28.97 -15.29
C LYS A 102 -7.42 -28.25 -16.16
N PHE A 103 -7.82 -27.19 -16.85
CA PHE A 103 -6.95 -26.54 -17.82
C PHE A 103 -6.34 -25.23 -17.32
N ALA A 104 -6.99 -24.54 -16.41
CA ALA A 104 -6.66 -23.15 -16.11
C ALA A 104 -6.21 -22.98 -14.65
N MET A 105 -5.22 -22.12 -14.45
CA MET A 105 -4.83 -21.66 -13.13
C MET A 105 -5.27 -20.22 -12.96
N PRO A 106 -6.16 -19.90 -12.03
CA PRO A 106 -6.65 -18.51 -11.90
C PRO A 106 -5.51 -17.58 -11.50
N TYR A 107 -5.42 -16.46 -12.23
CA TYR A 107 -4.33 -15.50 -12.06
C TYR A 107 -4.83 -14.25 -11.33
N MET A 108 -5.66 -13.45 -11.97
CA MET A 108 -6.29 -12.29 -11.36
C MET A 108 -7.79 -12.33 -11.65
N TRP A 109 -8.55 -11.52 -10.93
CA TRP A 109 -9.99 -11.45 -11.14
C TRP A 109 -10.49 -10.05 -10.80
N ALA A 110 -11.66 -9.73 -11.33
CA ALA A 110 -12.33 -8.46 -11.05
C ALA A 110 -13.84 -8.70 -11.09
N THR A 111 -14.60 -7.65 -10.83
CA THR A 111 -16.05 -7.75 -10.71
C THR A 111 -16.74 -6.70 -11.56
N THR A 112 -18.05 -6.92 -11.76
CA THR A 112 -18.94 -5.94 -12.37
C THR A 112 -19.71 -5.28 -11.24
N GLY A 113 -19.31 -4.07 -10.86
CA GLY A 113 -19.88 -3.40 -9.71
C GLY A 113 -20.39 -2.01 -10.08
N ILE A 114 -20.39 -1.14 -9.07
CA ILE A 114 -20.94 0.21 -9.23
C ILE A 114 -19.79 1.21 -9.14
N GLY A 115 -19.63 2.01 -10.20
CA GLY A 115 -18.75 3.16 -10.17
C GLY A 115 -19.59 4.41 -9.94
N TYR A 116 -19.09 5.32 -9.12
CA TYR A 116 -19.93 6.45 -8.76
C TYR A 116 -19.09 7.64 -8.31
N ASN A 117 -19.69 8.82 -8.46
CA ASN A 117 -19.13 10.07 -7.96
C ASN A 117 -19.52 10.21 -6.49
N VAL A 118 -18.53 10.16 -5.60
CA VAL A 118 -18.80 10.18 -4.17
C VAL A 118 -19.57 11.43 -3.77
N ASP A 119 -19.07 12.60 -4.21
CA ASP A 119 -19.62 13.86 -3.75
C ASP A 119 -21.05 14.07 -4.25
N LYS A 120 -21.29 13.82 -5.54
CA LYS A 120 -22.63 14.03 -6.10
C LYS A 120 -23.63 13.04 -5.52
N VAL A 121 -23.21 11.78 -5.35
CA VAL A 121 -24.10 10.76 -4.78
C VAL A 121 -24.48 11.14 -3.35
N LYS A 122 -23.48 11.54 -2.54
CA LYS A 122 -23.78 11.91 -1.17
C LYS A 122 -24.47 13.26 -1.07
N ALA A 123 -24.45 14.07 -2.13
CA ALA A 123 -25.19 15.32 -2.13
C ALA A 123 -26.66 15.08 -2.44
N VAL A 124 -26.96 14.17 -3.38
CA VAL A 124 -28.35 13.90 -3.73
C VAL A 124 -28.97 12.78 -2.90
N LEU A 125 -28.20 12.10 -2.06
CA LEU A 125 -28.73 11.00 -1.27
C LEU A 125 -28.25 11.01 0.18
N GLY A 126 -27.37 11.94 0.56
CA GLY A 126 -26.94 12.06 1.94
C GLY A 126 -25.73 11.19 2.26
N GLU A 127 -25.22 11.37 3.48
CA GLU A 127 -24.13 10.53 3.98
C GLU A 127 -24.55 9.08 4.12
N ASN A 128 -25.85 8.80 4.13
CA ASN A 128 -26.38 7.45 4.29
C ASN A 128 -26.61 6.75 2.96
N ALA A 129 -26.11 7.32 1.86
CA ALA A 129 -26.36 6.75 0.54
C ALA A 129 -25.90 5.30 0.50
N PRO A 130 -26.75 4.36 0.08
CA PRO A 130 -26.39 2.93 0.08
C PRO A 130 -25.41 2.58 -1.04
N VAL A 131 -24.21 3.15 -0.97
CA VAL A 131 -23.18 2.88 -1.95
C VAL A 131 -22.63 1.46 -1.86
N ASP A 132 -22.97 0.73 -0.79
CA ASP A 132 -22.53 -0.64 -0.62
C ASP A 132 -23.60 -1.65 -1.03
N SER A 133 -24.56 -1.24 -1.84
CA SER A 133 -25.67 -2.10 -2.22
C SER A 133 -26.16 -1.73 -3.60
N TRP A 134 -26.65 -2.72 -4.33
CA TRP A 134 -27.28 -2.47 -5.64
C TRP A 134 -28.51 -1.58 -5.50
N ASP A 135 -29.05 -1.43 -4.29
CA ASP A 135 -30.14 -0.49 -4.05
C ASP A 135 -29.82 0.90 -4.59
N LEU A 136 -28.54 1.26 -4.60
CA LEU A 136 -28.14 2.58 -5.10
C LEU A 136 -28.56 2.79 -6.54
N ILE A 137 -28.55 1.73 -7.36
CA ILE A 137 -28.81 1.85 -8.78
C ILE A 137 -29.97 0.99 -9.25
N LEU A 138 -30.43 0.03 -8.45
CA LEU A 138 -31.51 -0.86 -8.86
C LEU A 138 -32.82 -0.61 -8.13
N LYS A 139 -32.87 0.41 -7.26
CA LYS A 139 -34.13 0.82 -6.65
C LYS A 139 -34.64 2.06 -7.37
N PRO A 140 -35.84 2.04 -7.95
CA PRO A 140 -36.31 3.20 -8.72
C PRO A 140 -36.34 4.49 -7.92
N GLU A 141 -36.59 4.42 -6.62
CA GLU A 141 -36.67 5.62 -5.79
C GLU A 141 -35.32 6.34 -5.71
N ASN A 142 -34.22 5.60 -5.76
CA ASN A 142 -32.91 6.23 -5.76
C ASN A 142 -32.48 6.65 -7.16
N LEU A 143 -32.85 5.89 -8.18
CA LEU A 143 -32.52 6.28 -9.55
C LEU A 143 -33.27 7.55 -9.96
N GLU A 144 -34.46 7.77 -9.41
CA GLU A 144 -35.17 9.02 -9.68
C GLU A 144 -34.38 10.23 -9.18
N LYS A 145 -33.79 10.11 -8.00
CA LYS A 145 -32.97 11.20 -7.45
C LYS A 145 -31.60 11.29 -8.09
N LEU A 146 -31.11 10.20 -8.67
CA LEU A 146 -29.81 10.21 -9.35
C LEU A 146 -29.89 10.57 -10.83
N LYS A 147 -31.10 10.60 -11.40
CA LYS A 147 -31.24 10.82 -12.84
C LYS A 147 -30.60 12.13 -13.29
N SER A 148 -30.71 13.17 -12.47
CA SER A 148 -30.26 14.50 -12.90
C SER A 148 -28.75 14.54 -13.09
N CYS A 149 -28.00 13.82 -12.25
CA CYS A 149 -26.54 13.84 -12.36
CA CYS A 149 -26.54 13.82 -12.32
C CYS A 149 -26.00 12.79 -13.30
N GLY A 150 -26.85 11.95 -13.88
CA GLY A 150 -26.41 11.01 -14.90
C GLY A 150 -26.25 9.57 -14.47
N VAL A 151 -27.05 8.68 -15.05
CA VAL A 151 -26.98 7.24 -14.79
C VAL A 151 -26.70 6.54 -16.10
N SER A 152 -25.75 5.60 -16.08
CA SER A 152 -25.41 4.81 -17.26
C SER A 152 -25.36 3.33 -16.90
N PHE A 153 -25.77 2.51 -17.85
CA PHE A 153 -25.70 1.06 -17.72
C PHE A 153 -24.77 0.51 -18.80
N LEU A 154 -24.17 -0.65 -18.51
CA LEU A 154 -23.39 -1.34 -19.53
C LEU A 154 -24.30 -1.79 -20.66
N ASP A 155 -23.75 -1.83 -21.87
CA ASP A 155 -24.43 -2.46 -23.00
C ASP A 155 -24.11 -3.95 -23.06
N ALA A 156 -24.28 -4.62 -21.92
CA ALA A 156 -23.97 -6.04 -21.77
C ALA A 156 -25.20 -6.73 -21.20
N PRO A 157 -26.09 -7.25 -22.06
CA PRO A 157 -27.34 -7.84 -21.55
C PRO A 157 -27.13 -9.02 -20.62
N GLU A 158 -26.13 -9.86 -20.88
CA GLU A 158 -25.89 -11.02 -20.02
CA GLU A 158 -25.90 -11.02 -20.02
C GLU A 158 -25.53 -10.60 -18.61
N GLU A 159 -24.53 -9.71 -18.48
CA GLU A 159 -24.09 -9.27 -17.16
C GLU A 159 -25.18 -8.48 -16.43
N VAL A 160 -25.86 -7.57 -17.13
CA VAL A 160 -26.89 -6.77 -16.49
C VAL A 160 -28.06 -7.65 -16.04
N PHE A 161 -28.46 -8.61 -16.88
CA PHE A 161 -29.56 -9.48 -16.52
C PHE A 161 -29.18 -10.39 -15.36
N ALA A 162 -27.93 -10.89 -15.32
CA ALA A 162 -27.50 -11.69 -14.18
C ALA A 162 -27.49 -10.86 -12.91
N THR A 163 -27.02 -9.62 -12.99
CA THR A 163 -27.02 -8.73 -11.83
C THR A 163 -28.44 -8.48 -11.33
N VAL A 164 -29.38 -8.26 -12.25
CA VAL A 164 -30.76 -8.00 -11.85
C VAL A 164 -31.38 -9.25 -11.25
N LEU A 165 -31.13 -10.42 -11.83
CA LEU A 165 -31.66 -11.66 -11.29
C LEU A 165 -31.12 -11.93 -9.89
N ASN A 166 -29.84 -11.65 -9.67
CA ASN A 166 -29.27 -11.80 -8.33
C ASN A 166 -29.90 -10.80 -7.37
N TYR A 167 -30.13 -9.56 -7.83
CA TYR A 167 -30.74 -8.55 -6.98
C TYR A 167 -32.16 -8.93 -6.58
N LEU A 168 -32.88 -9.61 -7.47
CA LEU A 168 -34.25 -10.03 -7.18
C LEU A 168 -34.32 -11.36 -6.40
N GLY A 169 -33.18 -11.88 -5.96
CA GLY A 169 -33.16 -13.12 -5.22
C GLY A 169 -33.24 -14.38 -6.03
N LYS A 170 -33.30 -14.28 -7.37
CA LYS A 170 -33.38 -15.44 -8.22
C LYS A 170 -31.99 -16.00 -8.50
N ASP A 171 -31.95 -17.10 -9.25
CA ASP A 171 -30.68 -17.66 -9.68
C ASP A 171 -30.00 -16.69 -10.64
N PRO A 172 -28.81 -16.18 -10.32
CA PRO A 172 -28.14 -15.22 -11.22
C PRO A 172 -27.98 -15.74 -12.64
N ASN A 173 -27.90 -17.05 -12.84
CA ASN A 173 -27.90 -17.61 -14.18
C ASN A 173 -29.11 -18.53 -14.35
N SER A 174 -30.30 -18.00 -14.13
CA SER A 174 -31.52 -18.79 -14.27
C SER A 174 -31.64 -19.32 -15.70
N THR A 175 -32.15 -20.54 -15.82
CA THR A 175 -32.39 -21.16 -17.11
C THR A 175 -33.86 -21.07 -17.52
N LYS A 176 -34.67 -20.32 -16.77
CA LYS A 176 -36.08 -20.14 -17.07
C LYS A 176 -36.26 -18.81 -17.81
N ALA A 177 -36.84 -18.87 -19.00
CA ALA A 177 -37.02 -17.66 -19.80
C ALA A 177 -37.98 -16.68 -19.14
N ASP A 178 -38.93 -17.19 -18.34
CA ASP A 178 -39.88 -16.33 -17.66
C ASP A 178 -39.19 -15.36 -16.70
N ASP A 179 -38.07 -15.78 -16.10
CA ASP A 179 -37.32 -14.88 -15.25
C ASP A 179 -36.77 -13.68 -16.01
N TYR A 180 -36.42 -13.88 -17.28
CA TYR A 180 -35.87 -12.79 -18.08
C TYR A 180 -36.98 -11.92 -18.65
N THR A 181 -37.99 -12.55 -19.28
CA THR A 181 -39.08 -11.77 -19.86
C THR A 181 -40.01 -11.18 -18.81
N GLY A 182 -40.04 -11.76 -17.61
CA GLY A 182 -40.95 -11.31 -16.58
C GLY A 182 -40.35 -10.27 -15.65
N PRO A 183 -40.00 -10.69 -14.43
CA PRO A 183 -39.63 -9.70 -13.39
C PRO A 183 -38.38 -8.90 -13.72
N ALA A 184 -37.36 -9.51 -14.33
CA ALA A 184 -36.16 -8.78 -14.66
C ALA A 184 -36.46 -7.68 -15.67
N THR A 185 -37.21 -8.02 -16.72
CA THR A 185 -37.64 -7.01 -17.70
C THR A 185 -38.52 -5.96 -17.05
N ASP A 186 -39.38 -6.38 -16.12
CA ASP A 186 -40.25 -5.41 -15.42
C ASP A 186 -39.42 -4.38 -14.68
N LEU A 187 -38.45 -4.84 -13.88
CA LEU A 187 -37.63 -3.90 -13.12
C LEU A 187 -36.76 -3.04 -14.04
N LEU A 188 -36.22 -3.63 -15.11
CA LEU A 188 -35.39 -2.85 -16.01
C LEU A 188 -36.19 -1.76 -16.71
N LEU A 189 -37.43 -2.07 -17.11
CA LEU A 189 -38.27 -1.06 -17.73
C LEU A 189 -38.73 -0.01 -16.72
N LYS A 190 -38.90 -0.40 -15.46
CA LYS A 190 -39.20 0.58 -14.43
C LYS A 190 -38.04 1.53 -14.20
N LEU A 191 -36.80 1.03 -14.32
CA LEU A 191 -35.62 1.87 -14.14
C LEU A 191 -35.26 2.66 -15.39
N ARG A 192 -35.69 2.22 -16.56
CA ARG A 192 -35.27 2.82 -17.83
C ARG A 192 -35.44 4.34 -17.92
N PRO A 193 -36.56 4.94 -17.52
CA PRO A 193 -36.71 6.40 -17.69
C PRO A 193 -35.64 7.22 -16.96
N ASN A 194 -34.88 6.63 -16.05
CA ASN A 194 -33.85 7.36 -15.32
C ASN A 194 -32.44 7.10 -15.84
N ILE A 195 -32.28 6.20 -16.80
CA ILE A 195 -30.97 5.86 -17.35
C ILE A 195 -30.71 6.73 -18.57
N ARG A 196 -29.55 7.39 -18.61
CA ARG A 196 -29.24 8.29 -19.71
C ARG A 196 -28.86 7.52 -20.97
N TYR A 197 -28.00 6.51 -20.84
CA TYR A 197 -27.59 5.74 -22.01
C TYR A 197 -27.11 4.36 -21.57
N PHE A 198 -27.05 3.45 -22.54
CA PHE A 198 -26.51 2.11 -22.35
C PHE A 198 -25.24 1.99 -23.18
N HIS A 199 -24.09 1.99 -22.52
CA HIS A 199 -22.80 1.91 -23.20
C HIS A 199 -21.79 1.30 -22.25
N SER A 200 -20.84 0.56 -22.81
CA SER A 200 -19.84 -0.18 -22.03
C SER A 200 -18.45 0.43 -22.11
N SER A 201 -18.34 1.70 -22.53
CA SER A 201 -17.03 2.33 -22.61
C SER A 201 -17.09 3.83 -22.37
N GLN A 202 -18.19 4.48 -22.78
CA GLN A 202 -18.31 5.93 -22.60
C GLN A 202 -18.34 6.32 -21.13
N TYR A 203 -18.83 5.43 -20.27
CA TYR A 203 -18.95 5.75 -18.86
C TYR A 203 -17.60 5.99 -18.19
N ILE A 204 -16.51 5.46 -18.76
CA ILE A 204 -15.18 5.72 -18.20
C ILE A 204 -14.88 7.22 -18.21
N ASN A 205 -14.84 7.81 -19.40
CA ASN A 205 -14.56 9.24 -19.50
C ASN A 205 -15.67 10.08 -18.88
N ASP A 206 -16.92 9.61 -18.95
CA ASP A 206 -18.01 10.38 -18.35
C ASP A 206 -17.91 10.41 -16.83
N LEU A 207 -17.42 9.33 -16.21
CA LEU A 207 -17.15 9.35 -14.78
C LEU A 207 -15.94 10.22 -14.47
N ALA A 208 -14.90 10.14 -15.31
CA ALA A 208 -13.70 10.93 -15.08
C ALA A 208 -13.99 12.42 -15.13
N ASN A 209 -14.91 12.84 -16.00
CA ASN A 209 -15.21 14.26 -16.18
C ASN A 209 -16.36 14.74 -15.31
N GLY A 210 -17.05 13.86 -14.61
CA GLY A 210 -18.17 14.24 -13.77
C GLY A 210 -19.50 14.34 -14.48
N ASP A 211 -19.56 13.98 -15.77
CA ASP A 211 -20.81 14.04 -16.51
C ASP A 211 -21.76 12.90 -16.15
N ILE A 212 -21.23 11.80 -15.62
CA ILE A 212 -22.04 10.70 -15.09
C ILE A 212 -21.64 10.49 -13.64
N CYS A 213 -22.64 10.30 -12.77
CA CYS A 213 -22.44 10.20 -11.33
CA CYS A 213 -22.36 10.18 -11.35
C CYS A 213 -22.62 8.79 -10.79
N VAL A 214 -23.19 7.87 -11.56
CA VAL A 214 -23.38 6.50 -11.13
C VAL A 214 -23.49 5.63 -12.38
N ALA A 215 -22.88 4.44 -12.33
CA ALA A 215 -22.78 3.60 -13.50
C ALA A 215 -22.53 2.15 -13.09
N ILE A 216 -23.13 1.23 -13.82
CA ILE A 216 -22.72 -0.17 -13.77
C ILE A 216 -21.44 -0.30 -14.58
N GLY A 217 -20.38 -0.80 -13.97
CA GLY A 217 -19.10 -0.82 -14.65
C GLY A 217 -18.20 -1.95 -14.20
N TRP A 218 -17.29 -2.32 -15.09
CA TRP A 218 -16.23 -3.25 -14.75
C TRP A 218 -15.17 -2.55 -13.92
N ALA A 219 -14.63 -3.27 -12.93
CA ALA A 219 -13.77 -2.63 -11.92
C ALA A 219 -12.58 -1.91 -12.55
N GLY A 220 -11.94 -2.53 -13.54
CA GLY A 220 -10.79 -1.91 -14.18
C GLY A 220 -11.13 -0.59 -14.83
N ASP A 221 -12.29 -0.52 -15.50
CA ASP A 221 -12.71 0.73 -16.13
C ASP A 221 -12.94 1.83 -15.09
N VAL A 222 -13.57 1.48 -13.97
CA VAL A 222 -13.85 2.48 -12.95
C VAL A 222 -12.56 2.97 -12.30
N TRP A 223 -11.61 2.06 -12.05
CA TRP A 223 -10.33 2.48 -11.50
C TRP A 223 -9.58 3.36 -12.50
N GLN A 224 -9.67 3.04 -13.79
CA GLN A 224 -9.05 3.89 -14.80
C GLN A 224 -9.67 5.28 -14.81
N ALA A 225 -11.00 5.36 -14.68
CA ALA A 225 -11.66 6.66 -14.65
C ALA A 225 -11.25 7.46 -13.42
N SER A 226 -11.21 6.81 -12.26
CA SER A 226 -10.82 7.51 -11.04
C SER A 226 -9.37 7.99 -11.11
N ASN A 227 -8.48 7.16 -11.65
CA ASN A 227 -7.08 7.57 -11.80
C ASN A 227 -6.92 8.68 -12.83
N ARG A 228 -7.74 8.67 -13.88
CA ARG A 228 -7.72 9.76 -14.84
C ARG A 228 -8.16 11.06 -14.19
N ALA A 229 -9.21 11.02 -13.38
CA ALA A 229 -9.64 12.21 -12.66
C ALA A 229 -8.55 12.70 -11.71
N LYS A 230 -7.90 11.77 -11.00
CA LYS A 230 -6.83 12.17 -10.08
C LYS A 230 -5.67 12.81 -10.83
N GLU A 231 -5.26 12.21 -11.96
CA GLU A 231 -4.16 12.76 -12.74
C GLU A 231 -4.51 14.14 -13.29
N ALA A 232 -5.76 14.33 -13.71
CA ALA A 232 -6.17 15.63 -14.23
C ALA A 232 -6.30 16.68 -13.15
N LYS A 233 -6.32 16.28 -11.87
CA LYS A 233 -6.50 17.20 -10.74
C LYS A 233 -7.79 18.01 -10.87
N ASN A 234 -8.82 17.40 -11.44
CA ASN A 234 -10.09 18.10 -11.66
C ASN A 234 -10.99 18.09 -10.44
N GLY A 235 -10.63 17.36 -9.39
CA GLY A 235 -11.44 17.31 -8.19
C GLY A 235 -12.62 16.36 -8.25
N VAL A 236 -12.68 15.49 -9.24
CA VAL A 236 -13.75 14.51 -9.35
C VAL A 236 -13.34 13.25 -8.61
N ASN A 237 -14.14 12.85 -7.63
CA ASN A 237 -13.84 11.69 -6.78
C ASN A 237 -14.70 10.53 -7.24
N VAL A 238 -14.08 9.58 -7.95
CA VAL A 238 -14.76 8.40 -8.46
C VAL A 238 -14.35 7.20 -7.61
N SER A 239 -15.35 6.43 -7.17
CA SER A 239 -15.11 5.24 -6.37
CA SER A 239 -15.11 5.24 -6.37
C SER A 239 -15.81 4.04 -7.00
N PHE A 240 -15.36 2.86 -6.64
CA PHE A 240 -15.92 1.61 -7.11
C PHE A 240 -16.34 0.76 -5.92
N SER A 241 -17.49 0.10 -6.04
CA SER A 241 -18.03 -0.69 -4.95
C SER A 241 -18.54 -2.02 -5.48
N ILE A 242 -18.16 -3.08 -4.78
CA ILE A 242 -18.72 -4.43 -4.96
C ILE A 242 -19.84 -4.56 -3.94
N PRO A 243 -21.10 -4.47 -4.34
CA PRO A 243 -22.20 -4.40 -3.38
C PRO A 243 -22.31 -5.63 -2.50
N LYS A 244 -23.01 -5.47 -1.37
CA LYS A 244 -23.09 -6.53 -0.37
C LYS A 244 -23.94 -7.71 -0.83
N GLU A 245 -24.85 -7.50 -1.79
CA GLU A 245 -25.67 -8.59 -2.31
C GLU A 245 -24.89 -9.51 -3.25
N GLY A 246 -23.63 -9.21 -3.52
CA GLY A 246 -22.83 -9.97 -4.47
C GLY A 246 -22.69 -9.24 -5.79
N ALA A 247 -21.91 -9.86 -6.67
CA ALA A 247 -21.65 -9.29 -7.99
C ALA A 247 -21.09 -10.38 -8.88
N MET A 248 -21.15 -10.14 -10.19
CA MET A 248 -20.54 -11.06 -11.14
C MET A 248 -19.03 -10.91 -11.12
N ALA A 249 -18.33 -12.04 -11.03
CA ALA A 249 -16.87 -12.06 -11.06
C ALA A 249 -16.39 -12.68 -12.37
N PHE A 250 -15.27 -12.18 -12.87
CA PHE A 250 -14.65 -12.71 -14.07
C PHE A 250 -13.15 -12.84 -13.82
N PHE A 251 -12.56 -13.87 -14.41
CA PHE A 251 -11.20 -14.27 -14.11
C PHE A 251 -10.34 -14.29 -15.36
N ASP A 252 -9.08 -13.88 -15.19
CA ASP A 252 -8.02 -14.20 -16.14
C ASP A 252 -7.27 -15.40 -15.62
N VAL A 253 -6.84 -16.28 -16.54
CA VAL A 253 -6.25 -17.55 -16.15
C VAL A 253 -4.99 -17.78 -16.97
N PHE A 254 -4.03 -18.48 -16.35
CA PHE A 254 -2.88 -19.01 -17.06
C PHE A 254 -3.24 -20.40 -17.58
N ALA A 255 -2.92 -20.64 -18.85
CA ALA A 255 -3.23 -21.92 -19.48
C ALA A 255 -2.07 -22.32 -20.38
N MET A 256 -1.95 -23.62 -20.61
CA MET A 256 -0.86 -24.17 -21.40
C MET A 256 -1.41 -24.73 -22.70
N PRO A 257 -1.02 -24.18 -23.86
CA PRO A 257 -1.48 -24.74 -25.13
C PRO A 257 -1.05 -26.19 -25.29
N ALA A 258 -1.84 -26.95 -26.04
CA ALA A 258 -1.61 -28.39 -26.15
C ALA A 258 -0.26 -28.71 -26.78
N ASP A 259 0.21 -27.88 -27.72
CA ASP A 259 1.45 -28.10 -28.43
C ASP A 259 2.63 -27.34 -27.84
N ALA A 260 2.55 -27.00 -26.55
CA ALA A 260 3.66 -26.31 -25.90
C ALA A 260 4.89 -27.20 -25.86
N LYS A 261 6.03 -26.62 -26.25
CA LYS A 261 7.27 -27.38 -26.34
C LYS A 261 8.09 -27.36 -25.06
N ASN A 262 7.88 -26.37 -24.19
CA ASN A 262 8.61 -26.24 -22.94
C ASN A 262 7.64 -26.40 -21.77
N LYS A 263 7.13 -27.61 -21.60
CA LYS A 263 6.15 -27.86 -20.54
C LYS A 263 6.80 -27.83 -19.16
N ASP A 264 8.04 -28.31 -19.06
CA ASP A 264 8.75 -28.30 -17.78
C ASP A 264 8.94 -26.87 -17.28
N GLU A 265 9.45 -26.00 -18.16
CA GLU A 265 9.66 -24.61 -17.79
C GLU A 265 8.33 -23.90 -17.50
N ALA A 266 7.28 -24.26 -18.23
CA ALA A 266 5.97 -23.67 -17.97
C ALA A 266 5.44 -24.06 -16.59
N TYR A 267 5.62 -25.33 -16.21
CA TYR A 267 5.22 -25.76 -14.88
C TYR A 267 6.05 -25.07 -13.80
N GLN A 268 7.35 -24.87 -14.07
CA GLN A 268 8.18 -24.12 -13.15
C GLN A 268 7.66 -22.70 -12.95
N PHE A 269 7.28 -22.04 -14.06
CA PHE A 269 6.76 -20.67 -13.96
C PHE A 269 5.42 -20.64 -13.23
N LEU A 270 4.57 -21.65 -13.46
CA LEU A 270 3.29 -21.69 -12.77
C LEU A 270 3.49 -21.88 -11.26
N ASN A 271 4.43 -22.75 -10.88
CA ASN A 271 4.74 -22.92 -9.47
C ASN A 271 5.31 -21.64 -8.88
N TYR A 272 6.13 -20.92 -9.66
CA TYR A 272 6.64 -19.63 -9.22
C TYR A 272 5.50 -18.64 -8.97
N LEU A 273 4.51 -18.63 -9.86
CA LEU A 273 3.35 -17.75 -9.68
C LEU A 273 2.51 -18.18 -8.48
N LEU A 274 2.53 -19.47 -8.13
CA LEU A 274 1.78 -19.94 -6.97
C LEU A 274 2.42 -19.52 -5.65
N ARG A 275 3.64 -19.00 -5.68
CA ARG A 275 4.26 -18.49 -4.44
C ARG A 275 3.48 -17.28 -3.96
N PRO A 276 3.17 -17.19 -2.65
CA PRO A 276 2.37 -16.05 -2.18
C PRO A 276 3.03 -14.70 -2.42
N ASP A 277 4.32 -14.58 -2.14
CA ASP A 277 4.99 -13.28 -2.29
C ASP A 277 5.02 -12.82 -3.75
N VAL A 278 5.21 -13.77 -4.68
CA VAL A 278 5.28 -13.43 -6.10
C VAL A 278 3.98 -12.78 -6.56
N VAL A 279 2.87 -13.50 -6.41
CA VAL A 279 1.60 -13.00 -6.91
C VAL A 279 1.11 -11.83 -6.07
N ALA A 280 1.53 -11.74 -4.80
CA ALA A 280 1.20 -10.57 -4.00
C ALA A 280 1.90 -9.32 -4.53
N HIS A 281 3.17 -9.45 -4.91
CA HIS A 281 3.87 -8.34 -5.55
C HIS A 281 3.20 -7.95 -6.86
N ILE A 282 2.80 -8.95 -7.65
CA ILE A 282 2.09 -8.67 -8.90
C ILE A 282 0.81 -7.88 -8.63
N SER A 283 0.04 -8.30 -7.62
CA SER A 283 -1.19 -7.60 -7.28
C SER A 283 -0.90 -6.19 -6.78
N ASP A 284 0.20 -6.01 -6.06
CA ASP A 284 0.61 -4.68 -5.62
C ASP A 284 0.85 -3.77 -6.82
N HIS A 285 1.40 -4.33 -7.90
CA HIS A 285 1.67 -3.50 -9.08
C HIS A 285 0.40 -3.24 -9.89
N VAL A 286 -0.37 -4.30 -10.20
CA VAL A 286 -1.47 -4.18 -11.15
C VAL A 286 -2.79 -3.77 -10.52
N PHE A 287 -2.89 -3.74 -9.19
CA PHE A 287 -4.10 -3.33 -8.48
C PHE A 287 -5.29 -4.23 -8.84
N TYR A 288 -5.03 -5.53 -8.95
CA TYR A 288 -6.06 -6.54 -9.09
C TYR A 288 -5.93 -7.55 -7.97
N ALA A 289 -7.06 -8.07 -7.51
CA ALA A 289 -7.03 -9.15 -6.53
C ALA A 289 -6.63 -10.45 -7.23
N ASN A 290 -5.73 -11.19 -6.61
CA ASN A 290 -5.33 -12.49 -7.14
C ASN A 290 -6.14 -13.60 -6.48
N ALA A 291 -6.01 -14.80 -7.02
CA ALA A 291 -6.76 -15.96 -6.53
C ALA A 291 -5.98 -16.77 -5.51
N ASN A 292 -4.89 -16.24 -4.97
CA ASN A 292 -4.06 -16.95 -4.01
C ASN A 292 -4.43 -16.47 -2.60
N LYS A 293 -5.03 -17.34 -1.81
CA LYS A 293 -5.44 -16.97 -0.46
C LYS A 293 -4.23 -16.70 0.43
N ALA A 294 -3.24 -17.58 0.39
CA ALA A 294 -2.05 -17.41 1.22
C ALA A 294 -1.31 -16.11 0.92
N ALA A 295 -1.52 -15.53 -0.26
CA ALA A 295 -0.86 -14.28 -0.63
C ALA A 295 -1.58 -13.06 -0.09
N THR A 296 -2.82 -13.21 0.37
CA THR A 296 -3.61 -12.04 0.79
C THR A 296 -2.93 -11.22 1.88
N PRO A 297 -2.42 -11.79 2.98
CA PRO A 297 -1.77 -10.95 4.00
C PRO A 297 -0.50 -10.27 3.50
N LEU A 298 0.12 -10.78 2.43
CA LEU A 298 1.32 -10.20 1.88
C LEU A 298 1.05 -9.05 0.91
N VAL A 299 -0.18 -8.91 0.45
CA VAL A 299 -0.53 -7.80 -0.43
C VAL A 299 -0.45 -6.49 0.35
N SER A 300 -0.04 -5.43 -0.35
CA SER A 300 0.06 -4.11 0.26
C SER A 300 -1.27 -3.71 0.89
N ALA A 301 -1.18 -2.95 1.99
CA ALA A 301 -2.37 -2.46 2.66
C ALA A 301 -3.18 -1.53 1.75
N GLU A 302 -2.52 -0.90 0.77
CA GLU A 302 -3.24 -0.05 -0.17
C GLU A 302 -4.23 -0.86 -1.00
N VAL A 303 -3.84 -2.07 -1.41
CA VAL A 303 -4.70 -2.91 -2.23
C VAL A 303 -5.51 -3.88 -1.37
N ARG A 304 -4.88 -4.46 -0.34
CA ARG A 304 -5.55 -5.48 0.47
C ARG A 304 -6.74 -4.90 1.22
N GLU A 305 -6.62 -3.68 1.72
CA GLU A 305 -7.67 -3.06 2.51
C GLU A 305 -8.68 -2.28 1.68
N ASN A 306 -8.56 -2.29 0.36
CA ASN A 306 -9.55 -1.68 -0.52
C ASN A 306 -10.73 -2.64 -0.67
N PRO A 307 -11.90 -2.32 -0.11
CA PRO A 307 -13.04 -3.24 -0.23
C PRO A 307 -13.54 -3.41 -1.65
N GLY A 308 -13.26 -2.47 -2.54
CA GLY A 308 -13.58 -2.59 -3.94
C GLY A 308 -12.64 -3.48 -4.74
N ILE A 309 -11.57 -3.95 -4.11
CA ILE A 309 -10.64 -4.91 -4.72
C ILE A 309 -10.64 -6.22 -3.96
N TYR A 310 -10.47 -6.18 -2.64
CA TYR A 310 -10.53 -7.35 -1.78
C TYR A 310 -11.76 -7.25 -0.90
N PRO A 311 -12.92 -7.74 -1.35
CA PRO A 311 -14.14 -7.60 -0.56
C PRO A 311 -14.14 -8.54 0.63
N PRO A 312 -14.95 -8.27 1.65
CA PRO A 312 -15.01 -9.16 2.82
C PRO A 312 -15.62 -10.51 2.46
N ALA A 313 -15.54 -11.42 3.43
CA ALA A 313 -15.95 -12.80 3.19
C ALA A 313 -17.43 -12.92 2.88
N ASP A 314 -18.26 -12.10 3.55
CA ASP A 314 -19.70 -12.17 3.31
C ASP A 314 -20.05 -11.74 1.89
N VAL A 315 -19.27 -10.84 1.30
CA VAL A 315 -19.49 -10.46 -0.08
C VAL A 315 -18.94 -11.52 -1.03
N ARG A 316 -17.75 -12.05 -0.71
CA ARG A 316 -17.15 -13.08 -1.55
C ARG A 316 -18.04 -14.32 -1.63
N ALA A 317 -18.77 -14.63 -0.55
CA ALA A 317 -19.67 -15.77 -0.56
C ALA A 317 -20.86 -15.56 -1.48
N LYS A 318 -21.13 -14.33 -1.89
CA LYS A 318 -22.24 -14.01 -2.77
C LYS A 318 -21.79 -13.70 -4.19
N LEU A 319 -20.51 -13.89 -4.50
CA LEU A 319 -20.02 -13.70 -5.86
C LEU A 319 -20.50 -14.85 -6.75
N PHE A 320 -20.57 -14.58 -8.05
CA PHE A 320 -20.99 -15.59 -9.01
C PHE A 320 -20.36 -15.30 -10.36
N THR A 321 -20.26 -16.34 -11.18
CA THR A 321 -19.77 -16.21 -12.54
C THR A 321 -20.91 -16.45 -13.53
N LEU A 322 -20.68 -16.06 -14.78
CA LEU A 322 -21.70 -16.14 -15.82
C LEU A 322 -21.64 -17.50 -16.48
N LYS A 323 -22.69 -18.30 -16.29
CA LYS A 323 -22.76 -19.58 -16.98
C LYS A 323 -23.19 -19.38 -18.43
N VAL A 324 -22.67 -20.24 -19.31
CA VAL A 324 -23.08 -20.22 -20.71
C VAL A 324 -24.50 -20.73 -20.82
N GLN A 325 -25.36 -19.95 -21.47
CA GLN A 325 -26.78 -20.25 -21.54
C GLN A 325 -27.13 -20.97 -22.83
N ASP A 326 -28.21 -21.76 -22.76
CA ASP A 326 -28.73 -22.43 -23.93
C ASP A 326 -29.30 -21.41 -24.91
N PRO A 327 -29.23 -21.68 -26.22
CA PRO A 327 -29.62 -20.67 -27.22
C PRO A 327 -30.96 -19.99 -27.02
N LYS A 328 -32.01 -20.73 -26.59
CA LYS A 328 -33.30 -20.07 -26.37
C LYS A 328 -33.18 -18.97 -25.34
N ILE A 329 -32.44 -19.22 -24.26
CA ILE A 329 -32.21 -18.19 -23.25
C ILE A 329 -31.46 -17.01 -23.86
N ASP A 330 -30.54 -17.28 -24.77
CA ASP A 330 -29.78 -16.20 -25.42
C ASP A 330 -30.71 -15.32 -26.25
N ARG A 331 -31.62 -15.94 -27.02
CA ARG A 331 -32.54 -15.18 -27.85
C ARG A 331 -33.48 -14.35 -26.98
N VAL A 332 -34.04 -14.99 -25.94
CA VAL A 332 -34.94 -14.29 -25.03
C VAL A 332 -34.22 -13.10 -24.40
N ARG A 333 -32.97 -13.31 -23.97
CA ARG A 333 -32.19 -12.23 -23.36
C ARG A 333 -31.97 -11.10 -24.34
N THR A 334 -31.61 -11.42 -25.59
CA THR A 334 -31.33 -10.37 -26.57
C THR A 334 -32.59 -9.56 -26.89
N ARG A 335 -33.72 -10.24 -27.09
CA ARG A 335 -34.95 -9.51 -27.40
C ARG A 335 -35.43 -8.68 -26.21
N ALA A 336 -35.28 -9.22 -24.99
CA ALA A 336 -35.65 -8.46 -23.80
C ALA A 336 -34.76 -7.24 -23.64
N TRP A 337 -33.47 -7.37 -23.93
CA TRP A 337 -32.57 -6.23 -23.87
C TRP A 337 -32.92 -5.18 -24.92
N THR A 338 -33.30 -5.63 -26.11
CA THR A 338 -33.76 -4.69 -27.14
C THR A 338 -35.01 -3.96 -26.69
N LYS A 339 -35.94 -4.67 -26.04
CA LYS A 339 -37.15 -4.03 -25.53
C LYS A 339 -36.82 -3.04 -24.41
N VAL A 340 -35.85 -3.37 -23.58
CA VAL A 340 -35.48 -2.49 -22.47
C VAL A 340 -34.81 -1.22 -22.99
N LYS A 341 -33.92 -1.36 -23.98
CA LYS A 341 -33.17 -0.21 -24.47
C LYS A 341 -34.01 0.76 -25.30
N SER A 342 -35.22 0.37 -25.70
CA SER A 342 -36.05 1.24 -26.54
C SER A 342 -36.64 2.43 -25.77
N GLY A 343 -36.50 2.46 -24.45
CA GLY A 343 -37.04 3.55 -23.65
C GLY A 343 -36.33 4.87 -23.87
N GLN B 3 -14.73 3.78 37.63
CA GLN B 3 -14.33 5.16 37.92
C GLN B 3 -12.91 5.43 37.42
N LYS B 4 -12.26 4.37 36.94
CA LYS B 4 -10.86 4.44 36.56
C LYS B 4 -10.74 5.12 35.19
N THR B 5 -9.96 6.20 35.13
CA THR B 5 -9.76 6.96 33.90
C THR B 5 -8.28 7.00 33.55
N LEU B 6 -7.98 7.53 32.36
CA LEU B 6 -6.61 7.62 31.87
C LEU B 6 -6.54 8.74 30.86
N HIS B 7 -5.53 9.61 31.01
CA HIS B 7 -5.34 10.76 30.13
C HIS B 7 -4.03 10.61 29.38
N ILE B 8 -4.11 10.59 28.05
CA ILE B 8 -2.97 10.36 27.18
C ILE B 8 -2.83 11.53 26.23
N TYR B 9 -1.60 12.03 26.06
CA TYR B 9 -1.28 13.11 25.13
C TYR B 9 -0.29 12.57 24.11
N ASN B 10 -0.72 12.44 22.86
CA ASN B 10 0.09 11.82 21.82
C ASN B 10 -0.07 12.61 20.53
N TRP B 11 0.79 12.29 19.56
CA TRP B 11 0.70 12.86 18.23
C TRP B 11 -0.56 12.37 17.52
N SER B 12 -0.95 13.13 16.49
CA SER B 12 -2.08 12.71 15.67
C SER B 12 -1.68 11.55 14.77
N ASP B 13 -2.56 10.55 14.68
CA ASP B 13 -2.35 9.38 13.82
C ASP B 13 -1.05 8.67 14.17
N TYR B 14 -0.73 8.62 15.47
CA TYR B 14 0.45 7.93 15.96
C TYR B 14 0.07 6.68 16.76
N ILE B 15 -1.07 6.10 16.44
CA ILE B 15 -1.54 4.89 17.10
C ILE B 15 -2.56 4.23 16.18
N ALA B 16 -2.71 2.91 16.32
CA ALA B 16 -3.68 2.20 15.50
C ALA B 16 -5.09 2.67 15.83
N PRO B 17 -6.00 2.65 14.86
CA PRO B 17 -7.34 3.22 15.08
C PRO B 17 -8.13 2.55 16.19
N ASP B 18 -7.82 1.30 16.54
CA ASP B 18 -8.61 0.55 17.50
C ASP B 18 -7.85 0.20 18.78
N THR B 19 -6.67 0.82 19.00
CA THR B 19 -5.90 0.50 20.20
C THR B 19 -6.61 0.95 21.46
N VAL B 20 -6.99 2.24 21.52
CA VAL B 20 -7.61 2.78 22.72
C VAL B 20 -8.96 2.12 22.98
N ALA B 21 -9.73 1.87 21.91
CA ALA B 21 -11.03 1.23 22.08
C ALA B 21 -10.89 -0.19 22.63
N ASN B 22 -9.92 -0.95 22.11
CA ASN B 22 -9.69 -2.30 22.61
C ASN B 22 -9.22 -2.28 24.06
N PHE B 23 -8.33 -1.33 24.40
CA PHE B 23 -7.88 -1.21 25.78
C PHE B 23 -9.04 -0.88 26.72
N GLU B 24 -9.91 0.04 26.31
CA GLU B 24 -11.07 0.39 27.12
C GLU B 24 -12.00 -0.81 27.28
N LYS B 25 -12.23 -1.55 26.20
CA LYS B 25 -13.12 -2.71 26.28
C LYS B 25 -12.55 -3.79 27.18
N GLU B 26 -11.23 -3.98 27.16
CA GLU B 26 -10.64 -5.03 27.98
C GLU B 26 -10.56 -4.63 29.45
N THR B 27 -10.15 -3.40 29.74
CA THR B 27 -9.87 -3.00 31.11
C THR B 27 -11.03 -2.28 31.79
N GLY B 28 -11.97 -1.71 31.02
CA GLY B 28 -13.02 -0.90 31.59
C GLY B 28 -12.61 0.52 31.93
N ILE B 29 -11.35 0.89 31.68
CA ILE B 29 -10.90 2.25 31.95
C ILE B 29 -11.45 3.19 30.90
N LYS B 30 -11.85 4.39 31.33
CA LYS B 30 -12.30 5.44 30.42
C LYS B 30 -11.10 6.29 30.02
N VAL B 31 -10.66 6.12 28.78
CA VAL B 31 -9.46 6.80 28.28
C VAL B 31 -9.89 8.05 27.54
N VAL B 32 -9.48 9.22 28.04
CA VAL B 32 -9.65 10.49 27.33
C VAL B 32 -8.36 10.74 26.57
N TYR B 33 -8.42 10.60 25.25
CA TYR B 33 -7.23 10.59 24.39
C TYR B 33 -7.12 11.94 23.68
N ASP B 34 -6.46 12.89 24.34
CA ASP B 34 -6.19 14.18 23.73
C ASP B 34 -5.00 14.07 22.79
N VAL B 35 -4.87 15.06 21.91
CA VAL B 35 -3.91 14.99 20.81
C VAL B 35 -3.35 16.36 20.52
N PHE B 36 -2.07 16.40 20.14
CA PHE B 36 -1.38 17.59 19.69
C PHE B 36 -0.82 17.35 18.30
N ASP B 37 -0.39 18.43 17.63
CA ASP B 37 0.01 18.33 16.24
C ASP B 37 1.46 18.72 15.96
N SER B 38 2.19 19.27 16.94
CA SER B 38 3.63 19.46 16.78
C SER B 38 4.26 19.68 18.15
N ASN B 39 5.60 19.62 18.16
CA ASN B 39 6.35 19.47 19.41
C ASN B 39 6.05 20.57 20.40
N GLU B 40 6.04 21.82 19.94
CA GLU B 40 6.00 22.97 20.85
C GLU B 40 4.80 22.90 21.79
N VAL B 41 3.66 22.44 21.28
CA VAL B 41 2.45 22.35 22.12
C VAL B 41 2.70 21.47 23.33
N LEU B 42 3.07 20.21 23.08
CA LEU B 42 3.28 19.26 24.18
C LEU B 42 4.43 19.70 25.08
N GLU B 43 5.51 20.23 24.49
CA GLU B 43 6.68 20.58 25.29
C GLU B 43 6.37 21.76 26.23
N GLY B 44 5.71 22.79 25.71
CA GLY B 44 5.33 23.91 26.56
C GLY B 44 4.30 23.52 27.60
N LYS B 45 3.33 22.69 27.23
CA LYS B 45 2.37 22.20 28.20
C LYS B 45 3.05 21.44 29.32
N LEU B 46 4.04 20.61 29.01
CA LEU B 46 4.67 19.77 30.03
C LEU B 46 5.58 20.58 30.93
N MET B 47 6.40 21.47 30.37
CA MET B 47 7.28 22.28 31.22
C MET B 47 6.51 23.39 31.94
N ALA B 48 5.28 23.65 31.53
CA ALA B 48 4.37 24.32 32.44
C ALA B 48 4.21 23.42 33.65
N GLY B 49 3.59 22.26 33.43
CA GLY B 49 3.31 21.30 34.47
C GLY B 49 1.82 21.23 34.76
N SER B 50 1.49 20.35 35.71
CA SER B 50 0.12 20.13 36.13
C SER B 50 -0.79 19.92 34.93
N THR B 51 -0.30 19.17 33.94
CA THR B 51 -1.00 19.05 32.67
C THR B 51 -2.27 18.21 32.76
N GLY B 52 -2.42 17.42 33.82
CA GLY B 52 -3.54 16.52 33.92
C GLY B 52 -3.40 15.24 33.12
N PHE B 53 -2.25 15.01 32.50
CA PHE B 53 -2.02 13.80 31.73
C PHE B 53 -1.39 12.74 32.62
N ASP B 54 -1.71 11.48 32.32
CA ASP B 54 -1.06 10.34 32.96
C ASP B 54 0.04 9.73 32.10
N LEU B 55 -0.05 9.90 30.78
CA LEU B 55 0.95 9.37 29.87
C LEU B 55 1.13 10.34 28.71
N VAL B 56 2.39 10.66 28.40
CA VAL B 56 2.73 11.53 27.29
C VAL B 56 3.78 10.87 26.43
N VAL B 57 3.81 11.22 25.15
CA VAL B 57 4.78 10.65 24.22
C VAL B 57 5.67 11.75 23.67
N PRO B 58 6.67 12.21 24.41
CA PRO B 58 7.58 13.22 23.86
C PRO B 58 8.77 12.58 23.16
N SER B 59 9.65 13.41 22.60
CA SER B 59 10.89 12.91 22.04
C SER B 59 11.81 12.41 23.15
N ALA B 60 12.81 11.62 22.75
CA ALA B 60 13.76 11.11 23.74
C ALA B 60 14.71 12.20 24.21
N SER B 61 15.11 13.10 23.31
CA SER B 61 16.05 14.15 23.68
C SER B 61 15.39 15.23 24.53
N PHE B 62 14.10 15.49 24.35
CA PHE B 62 13.40 16.40 25.24
C PHE B 62 13.36 15.83 26.66
N LEU B 63 13.05 14.54 26.78
CA LEU B 63 13.09 13.88 28.09
C LEU B 63 14.50 13.94 28.68
N GLU B 64 15.52 13.81 27.83
CA GLU B 64 16.90 13.94 28.31
C GLU B 64 17.16 15.36 28.84
N ARG B 65 16.66 16.36 28.12
CA ARG B 65 16.86 17.75 28.54
C ARG B 65 16.09 18.09 29.81
N GLN B 66 15.00 17.38 30.10
CA GLN B 66 14.25 17.59 31.33
C GLN B 66 14.44 16.43 32.32
N LEU B 67 15.67 15.91 32.41
CA LEU B 67 15.93 14.81 33.33
C LEU B 67 15.92 15.27 34.78
N THR B 68 16.51 16.43 35.05
CA THR B 68 16.59 16.96 36.41
C THR B 68 15.47 17.93 36.75
N ALA B 69 14.62 18.29 35.78
CA ALA B 69 13.54 19.23 36.04
C ALA B 69 12.44 18.62 36.90
N GLY B 70 12.35 17.28 36.95
CA GLY B 70 11.40 16.64 37.83
C GLY B 70 9.95 16.70 37.38
N VAL B 71 9.72 16.70 36.06
CA VAL B 71 8.35 16.65 35.54
C VAL B 71 7.92 15.21 35.22
N PHE B 72 8.87 14.29 35.03
CA PHE B 72 8.56 12.90 34.76
C PHE B 72 8.83 12.05 36.00
N GLN B 73 8.23 10.86 36.02
CA GLN B 73 8.37 9.85 37.05
C GLN B 73 9.24 8.70 36.55
N PRO B 74 10.11 8.15 37.40
CA PRO B 74 10.82 6.92 37.01
C PRO B 74 9.87 5.75 36.89
N LEU B 75 10.07 4.94 35.86
CA LEU B 75 9.15 3.85 35.55
C LEU B 75 9.44 2.66 36.46
N ASP B 76 8.42 2.24 37.21
CA ASP B 76 8.53 1.08 38.10
C ASP B 76 8.59 -0.18 37.26
N LYS B 77 9.81 -0.68 37.02
CA LYS B 77 9.97 -1.90 36.24
C LYS B 77 9.31 -3.11 36.90
N SER B 78 9.07 -3.05 38.21
CA SER B 78 8.37 -4.14 38.89
C SER B 78 6.96 -4.33 38.37
N LYS B 79 6.35 -3.30 37.78
CA LYS B 79 5.00 -3.36 37.26
C LYS B 79 4.95 -3.54 35.75
N LEU B 80 6.10 -3.68 35.09
CA LEU B 80 6.19 -3.97 33.66
C LEU B 80 6.84 -5.33 33.49
N PRO B 81 6.12 -6.43 33.76
CA PRO B 81 6.75 -7.76 33.70
C PRO B 81 7.21 -8.14 32.30
N GLU B 82 6.55 -7.64 31.26
CA GLU B 82 6.91 -7.96 29.88
C GLU B 82 7.94 -6.99 29.30
N TRP B 83 8.66 -6.26 30.16
CA TRP B 83 9.69 -5.34 29.69
C TRP B 83 10.76 -6.06 28.88
N LYS B 84 10.94 -7.36 29.11
CA LYS B 84 11.91 -8.14 28.35
C LYS B 84 11.54 -8.26 26.88
N ASN B 85 10.34 -7.85 26.48
CA ASN B 85 9.99 -7.90 25.07
C ASN B 85 10.77 -6.86 24.26
N LEU B 86 11.20 -5.78 24.90
CA LEU B 86 11.92 -4.74 24.20
C LEU B 86 13.31 -5.23 23.77
N ASP B 87 13.73 -4.79 22.60
CA ASP B 87 15.04 -5.19 22.08
C ASP B 87 16.15 -4.52 22.88
N PRO B 88 17.12 -5.28 23.39
CA PRO B 88 18.16 -4.65 24.23
C PRO B 88 19.05 -3.68 23.49
N GLU B 89 19.29 -3.89 22.19
CA GLU B 89 20.09 -2.95 21.42
C GLU B 89 19.43 -1.58 21.36
N LEU B 90 18.15 -1.54 20.96
CA LEU B 90 17.42 -0.28 20.96
C LEU B 90 17.26 0.26 22.38
N LEU B 91 17.17 -0.62 23.38
CA LEU B 91 17.10 -0.18 24.76
C LEU B 91 18.35 0.61 25.14
N LYS B 92 19.54 0.10 24.78
CA LYS B 92 20.76 0.85 25.02
C LYS B 92 20.79 2.14 24.22
N LEU B 93 20.33 2.08 22.97
CA LEU B 93 20.30 3.28 22.12
C LEU B 93 19.53 4.41 22.80
N VAL B 94 18.35 4.12 23.32
CA VAL B 94 17.58 5.15 24.02
C VAL B 94 18.16 5.43 25.39
N ALA B 95 18.86 4.45 25.99
CA ALA B 95 19.51 4.68 27.27
C ALA B 95 20.59 5.72 27.17
N LYS B 96 21.18 5.88 25.98
CA LYS B 96 22.08 7.01 25.75
C LYS B 96 21.38 8.35 25.99
N HIS B 97 20.05 8.40 25.86
CA HIS B 97 19.27 9.58 26.21
C HIS B 97 18.69 9.50 27.61
N ASP B 98 18.30 8.31 28.06
CA ASP B 98 17.67 8.11 29.37
C ASP B 98 18.44 7.02 30.11
N PRO B 99 19.37 7.40 30.99
CA PRO B 99 20.26 6.40 31.59
C PRO B 99 19.48 5.34 32.38
N ASP B 100 19.90 4.09 32.19
CA ASP B 100 19.29 2.91 32.81
C ASP B 100 17.82 2.73 32.43
N ASN B 101 17.35 3.45 31.41
CA ASN B 101 15.97 3.35 30.92
C ASN B 101 14.97 3.55 32.05
N LYS B 102 15.14 4.65 32.79
CA LYS B 102 14.34 4.84 34.00
C LYS B 102 13.06 5.61 33.78
N PHE B 103 13.04 6.54 32.81
CA PHE B 103 11.86 7.37 32.61
C PHE B 103 11.09 7.06 31.34
N ALA B 104 11.71 6.41 30.35
CA ALA B 104 11.15 6.32 29.00
C ALA B 104 10.99 4.87 28.58
N MET B 105 9.86 4.58 27.95
CA MET B 105 9.66 3.30 27.27
C MET B 105 9.64 3.55 25.77
N PRO B 106 10.59 3.03 25.01
CA PRO B 106 10.66 3.35 23.57
C PRO B 106 9.43 2.83 22.83
N TYR B 107 8.77 3.72 22.10
CA TYR B 107 7.52 3.44 21.40
C TYR B 107 7.80 3.09 19.95
N MET B 108 8.21 4.09 19.17
CA MET B 108 8.61 3.92 17.78
C MET B 108 9.94 4.63 17.56
N TRP B 109 10.53 4.40 16.40
CA TRP B 109 11.78 5.07 16.06
C TRP B 109 11.94 5.14 14.55
N ALA B 110 12.72 6.12 14.10
CA ALA B 110 13.06 6.31 12.70
C ALA B 110 14.52 6.71 12.62
N THR B 111 15.01 6.88 11.39
CA THR B 111 16.41 7.19 11.15
C THR B 111 16.55 8.35 10.18
N THR B 112 17.75 8.93 10.14
CA THR B 112 18.11 9.97 9.18
C THR B 112 18.90 9.30 8.07
N GLY B 113 18.24 9.08 6.92
CA GLY B 113 18.81 8.34 5.83
C GLY B 113 18.76 9.14 4.54
N ILE B 114 18.70 8.41 3.42
CA ILE B 114 18.78 9.01 2.10
C ILE B 114 17.47 8.76 1.36
N GLY B 115 16.80 9.82 0.95
CA GLY B 115 15.70 9.72 0.00
C GLY B 115 16.23 9.96 -1.40
N TYR B 116 15.68 9.23 -2.36
CA TYR B 116 16.28 9.27 -3.70
C TYR B 116 15.27 8.85 -4.76
N ASN B 117 15.58 9.26 -5.99
CA ASN B 117 14.84 8.86 -7.19
C ASN B 117 15.57 7.69 -7.83
N VAL B 118 14.91 6.53 -7.86
CA VAL B 118 15.54 5.32 -8.41
C VAL B 118 15.95 5.54 -9.86
N ASP B 119 14.97 5.87 -10.71
CA ASP B 119 15.19 5.98 -12.15
C ASP B 119 16.32 6.95 -12.47
N LYS B 120 16.22 8.19 -11.97
CA LYS B 120 17.23 9.19 -12.30
C LYS B 120 18.59 8.84 -11.72
N VAL B 121 18.62 8.36 -10.47
CA VAL B 121 19.91 8.07 -9.83
C VAL B 121 20.71 7.08 -10.65
N LYS B 122 20.10 5.96 -11.06
CA LYS B 122 20.89 4.98 -11.79
C LYS B 122 20.87 5.19 -13.31
N ALA B 123 20.07 6.15 -13.81
CA ALA B 123 20.30 6.64 -15.16
C ALA B 123 21.54 7.53 -15.20
N VAL B 124 21.87 8.15 -14.07
CA VAL B 124 23.07 8.99 -13.98
C VAL B 124 24.30 8.17 -13.59
N LEU B 125 24.16 7.16 -12.73
CA LEU B 125 25.31 6.50 -12.12
C LEU B 125 25.37 5.00 -12.41
N GLY B 126 24.82 4.55 -13.54
CA GLY B 126 24.95 3.16 -13.92
C GLY B 126 24.12 2.20 -13.09
N GLU B 127 24.00 0.96 -13.56
CA GLU B 127 23.11 -0.02 -12.94
C GLU B 127 23.72 -0.68 -11.70
N ASN B 128 24.78 -0.12 -11.14
CA ASN B 128 25.37 -0.60 -9.89
C ASN B 128 25.61 0.57 -8.95
N ALA B 129 24.64 1.48 -8.88
CA ALA B 129 24.78 2.68 -8.06
C ALA B 129 24.79 2.31 -6.58
N PRO B 130 25.76 2.77 -5.79
CA PRO B 130 25.79 2.42 -4.36
C PRO B 130 24.72 3.16 -3.58
N VAL B 131 23.47 2.69 -3.66
CA VAL B 131 22.37 3.37 -2.98
C VAL B 131 22.26 2.96 -1.51
N ASP B 132 22.74 1.77 -1.16
CA ASP B 132 22.79 1.34 0.24
C ASP B 132 24.01 1.89 0.97
N SER B 133 24.64 2.94 0.43
CA SER B 133 25.85 3.51 0.98
C SER B 133 25.73 5.02 1.09
N TRP B 134 26.50 5.59 2.00
CA TRP B 134 26.60 7.05 2.07
C TRP B 134 27.44 7.61 0.93
N ASP B 135 28.21 6.77 0.24
CA ASP B 135 28.89 7.20 -0.97
C ASP B 135 27.92 7.72 -2.02
N LEU B 136 26.64 7.38 -1.90
CA LEU B 136 25.62 7.93 -2.79
C LEU B 136 25.56 9.45 -2.69
N ILE B 137 25.85 10.01 -1.51
CA ILE B 137 25.71 11.44 -1.29
C ILE B 137 26.94 12.10 -0.72
N LEU B 138 27.87 11.37 -0.08
CA LEU B 138 29.02 11.97 0.56
C LEU B 138 30.31 11.78 -0.23
N LYS B 139 30.25 11.18 -1.42
CA LYS B 139 31.40 11.16 -2.30
C LYS B 139 31.27 12.27 -3.33
N PRO B 140 32.26 13.16 -3.46
CA PRO B 140 32.14 14.25 -4.44
C PRO B 140 32.04 13.76 -5.88
N GLU B 141 32.62 12.59 -6.18
CA GLU B 141 32.57 12.07 -7.55
C GLU B 141 31.14 11.77 -7.99
N ASN B 142 30.28 11.32 -7.08
CA ASN B 142 28.89 11.03 -7.39
C ASN B 142 28.01 12.28 -7.28
N LEU B 143 28.32 13.17 -6.34
CA LEU B 143 27.57 14.42 -6.23
C LEU B 143 27.77 15.29 -7.46
N GLU B 144 28.97 15.27 -8.04
CA GLU B 144 29.21 16.03 -9.27
C GLU B 144 28.36 15.51 -10.42
N LYS B 145 28.10 14.20 -10.46
CA LYS B 145 27.26 13.65 -11.51
C LYS B 145 25.78 13.88 -11.25
N LEU B 146 25.36 13.88 -9.99
CA LEU B 146 23.96 14.06 -9.64
C LEU B 146 23.56 15.51 -9.42
N LYS B 147 24.51 16.45 -9.52
CA LYS B 147 24.18 17.86 -9.32
C LYS B 147 23.07 18.33 -10.26
N SER B 148 23.04 17.79 -11.49
CA SER B 148 22.08 18.26 -12.48
C SER B 148 20.64 17.99 -12.05
N CYS B 149 20.38 16.78 -11.53
CA CYS B 149 19.03 16.41 -11.13
CA CYS B 149 19.03 16.41 -11.13
C CYS B 149 18.66 16.92 -9.74
N GLY B 150 19.55 17.62 -9.06
CA GLY B 150 19.23 18.20 -7.77
C GLY B 150 19.64 17.41 -6.55
N VAL B 151 20.51 17.98 -5.73
CA VAL B 151 20.95 17.37 -4.48
C VAL B 151 20.55 18.28 -3.34
N SER B 152 19.95 17.69 -2.29
CA SER B 152 19.45 18.45 -1.16
C SER B 152 20.06 17.92 0.14
N PHE B 153 20.27 18.83 1.09
CA PHE B 153 20.78 18.52 2.42
C PHE B 153 19.84 19.11 3.45
N LEU B 154 19.79 18.48 4.62
CA LEU B 154 19.00 19.01 5.72
C LEU B 154 19.67 20.25 6.32
N ASP B 155 18.85 21.16 6.81
CA ASP B 155 19.35 22.31 7.58
C ASP B 155 19.48 21.98 9.05
N ALA B 156 20.08 20.82 9.34
CA ALA B 156 20.28 20.34 10.71
C ALA B 156 21.78 20.10 10.92
N PRO B 157 22.50 21.06 11.50
CA PRO B 157 23.96 20.88 11.64
C PRO B 157 24.35 19.68 12.49
N GLU B 158 23.64 19.43 13.59
CA GLU B 158 23.99 18.32 14.46
C GLU B 158 23.93 16.98 13.72
N GLU B 159 22.79 16.71 13.07
CA GLU B 159 22.62 15.41 12.41
C GLU B 159 23.55 15.26 11.22
N VAL B 160 23.69 16.31 10.40
CA VAL B 160 24.57 16.23 9.24
C VAL B 160 26.01 16.03 9.67
N PHE B 161 26.44 16.77 10.70
CA PHE B 161 27.83 16.64 11.18
C PHE B 161 28.08 15.26 11.77
N ALA B 162 27.11 14.72 12.52
CA ALA B 162 27.28 13.38 13.07
C ALA B 162 27.34 12.35 11.95
N THR B 163 26.53 12.53 10.90
CA THR B 163 26.59 11.62 9.76
C THR B 163 27.94 11.69 9.06
N VAL B 164 28.46 12.91 8.85
CA VAL B 164 29.77 13.06 8.22
C VAL B 164 30.85 12.39 9.07
N LEU B 165 30.81 12.60 10.38
CA LEU B 165 31.82 12.01 11.26
C LEU B 165 31.75 10.49 11.26
N ASN B 166 30.54 9.93 11.25
CA ASN B 166 30.40 8.48 11.16
C ASN B 166 30.88 7.96 9.83
N TYR B 167 30.66 8.73 8.75
CA TYR B 167 31.11 8.32 7.42
C TYR B 167 32.63 8.32 7.34
N LEU B 168 33.28 9.27 8.01
CA LEU B 168 34.74 9.35 8.01
C LEU B 168 35.39 8.41 9.01
N GLY B 169 34.63 7.51 9.62
CA GLY B 169 35.18 6.55 10.55
C GLY B 169 35.53 7.09 11.91
N LYS B 170 35.13 8.32 12.23
CA LYS B 170 35.40 8.93 13.53
C LYS B 170 34.20 8.75 14.44
N ASP B 171 34.29 9.32 15.63
CA ASP B 171 33.21 9.24 16.61
C ASP B 171 32.02 10.05 16.13
N PRO B 172 30.85 9.45 15.90
CA PRO B 172 29.70 10.25 15.44
C PRO B 172 29.29 11.34 16.41
N ASN B 173 29.59 11.19 17.70
CA ASN B 173 29.33 12.24 18.68
C ASN B 173 30.65 12.78 19.20
N SER B 174 31.50 13.24 18.29
CA SER B 174 32.82 13.74 18.66
C SER B 174 32.72 14.93 19.60
N THR B 175 33.60 14.96 20.60
CA THR B 175 33.71 16.08 21.53
C THR B 175 34.91 16.95 21.24
N LYS B 176 35.65 16.67 20.17
CA LYS B 176 36.77 17.50 19.74
C LYS B 176 36.28 18.50 18.70
N ALA B 177 36.46 19.80 18.97
CA ALA B 177 36.02 20.82 18.04
C ALA B 177 36.79 20.74 16.72
N ASP B 178 38.02 20.24 16.75
CA ASP B 178 38.82 20.15 15.53
C ASP B 178 38.24 19.13 14.56
N ASP B 179 37.52 18.12 15.06
CA ASP B 179 36.85 17.19 14.17
C ASP B 179 35.74 17.86 13.38
N TYR B 180 35.08 18.86 13.97
CA TYR B 180 34.03 19.59 13.27
C TYR B 180 34.61 20.66 12.35
N THR B 181 35.60 21.41 12.82
CA THR B 181 36.19 22.46 12.00
C THR B 181 37.18 21.92 10.96
N GLY B 182 37.63 20.68 11.12
CA GLY B 182 38.64 20.13 10.25
C GLY B 182 38.09 19.21 9.17
N PRO B 183 38.26 17.90 9.37
CA PRO B 183 37.91 16.94 8.30
C PRO B 183 36.45 16.98 7.88
N ALA B 184 35.52 17.05 8.83
CA ALA B 184 34.11 17.11 8.49
C ALA B 184 33.81 18.36 7.68
N THR B 185 34.33 19.51 8.12
CA THR B 185 34.16 20.75 7.37
C THR B 185 34.81 20.64 5.99
N ASP B 186 35.96 19.99 5.90
CA ASP B 186 36.64 19.83 4.61
C ASP B 186 35.77 19.04 3.64
N LEU B 187 35.21 17.91 4.09
CA LEU B 187 34.36 17.12 3.21
C LEU B 187 33.08 17.87 2.83
N LEU B 188 32.49 18.59 3.79
CA LEU B 188 31.29 19.34 3.49
C LEU B 188 31.57 20.46 2.48
N LEU B 189 32.76 21.07 2.58
CA LEU B 189 33.15 22.08 1.60
C LEU B 189 33.37 21.46 0.22
N LYS B 190 33.95 20.26 0.19
CA LYS B 190 34.10 19.56 -1.08
C LYS B 190 32.74 19.27 -1.72
N LEU B 191 31.75 18.92 -0.90
CA LEU B 191 30.44 18.56 -1.42
C LEU B 191 29.56 19.76 -1.72
N ARG B 192 29.82 20.91 -1.10
CA ARG B 192 28.91 22.06 -1.21
C ARG B 192 28.65 22.52 -2.65
N PRO B 193 29.63 22.63 -3.55
CA PRO B 193 29.33 23.13 -4.90
C PRO B 193 28.31 22.30 -5.66
N ASN B 194 27.95 21.12 -5.18
CA ASN B 194 26.97 20.26 -5.84
C ASN B 194 25.64 20.19 -5.09
N ILE B 195 25.52 20.86 -3.96
CA ILE B 195 24.26 20.87 -3.20
C ILE B 195 23.47 22.10 -3.61
N ARG B 196 22.21 21.89 -4.02
CA ARG B 196 21.39 23.01 -4.48
C ARG B 196 20.97 23.90 -3.33
N TYR B 197 20.48 23.31 -2.24
CA TYR B 197 20.06 24.09 -1.09
C TYR B 197 20.12 23.24 0.17
N PHE B 198 20.05 23.92 1.31
CA PHE B 198 20.02 23.29 2.63
C PHE B 198 18.68 23.64 3.26
N HIS B 199 17.74 22.69 3.27
CA HIS B 199 16.44 22.92 3.87
C HIS B 199 15.94 21.64 4.51
N SER B 200 15.09 21.81 5.53
CA SER B 200 14.63 20.70 6.35
C SER B 200 13.20 20.26 6.01
N SER B 201 12.53 20.91 5.06
CA SER B 201 11.14 20.58 4.79
C SER B 201 10.75 20.77 3.32
N GLN B 202 11.57 21.49 2.56
CA GLN B 202 11.26 21.67 1.13
C GLN B 202 11.57 20.43 0.32
N TYR B 203 12.47 19.57 0.83
CA TYR B 203 12.92 18.43 0.04
C TYR B 203 11.83 17.39 -0.14
N ILE B 204 10.86 17.30 0.77
CA ILE B 204 9.78 16.34 0.59
C ILE B 204 8.93 16.71 -0.61
N ASN B 205 8.57 18.00 -0.74
CA ASN B 205 7.80 18.44 -1.88
C ASN B 205 8.62 18.35 -3.17
N ASP B 206 9.89 18.75 -3.11
CA ASP B 206 10.73 18.68 -4.31
C ASP B 206 11.03 17.24 -4.73
N LEU B 207 10.95 16.28 -3.80
CA LEU B 207 11.11 14.87 -4.15
C LEU B 207 9.82 14.32 -4.73
N ALA B 208 8.67 14.64 -4.12
CA ALA B 208 7.40 14.18 -4.66
C ALA B 208 7.14 14.73 -6.06
N ASN B 209 7.61 15.95 -6.33
CA ASN B 209 7.45 16.53 -7.66
C ASN B 209 8.56 16.12 -8.61
N GLY B 210 9.66 15.58 -8.10
CA GLY B 210 10.79 15.21 -8.93
C GLY B 210 11.78 16.32 -9.18
N ASP B 211 11.68 17.44 -8.46
CA ASP B 211 12.59 18.56 -8.69
C ASP B 211 14.01 18.25 -8.23
N ILE B 212 14.15 17.49 -7.14
CA ILE B 212 15.45 17.02 -6.70
C ILE B 212 15.46 15.50 -6.74
N CYS B 213 16.63 14.93 -7.02
CA CYS B 213 16.74 13.49 -7.22
CA CYS B 213 16.78 13.49 -7.23
C CYS B 213 17.25 12.73 -6.00
N VAL B 214 17.99 13.39 -5.10
CA VAL B 214 18.52 12.71 -3.93
C VAL B 214 18.70 13.73 -2.81
N ALA B 215 18.49 13.29 -1.58
CA ALA B 215 18.53 14.18 -0.43
C ALA B 215 18.77 13.38 0.83
N ILE B 216 19.30 14.05 1.85
CA ILE B 216 19.35 13.53 3.20
C ILE B 216 18.05 13.92 3.89
N GLY B 217 17.41 12.96 4.55
CA GLY B 217 16.12 13.25 5.15
C GLY B 217 15.72 12.24 6.20
N TRP B 218 14.76 12.64 7.02
CA TRP B 218 14.17 11.76 8.00
C TRP B 218 13.21 10.78 7.31
N ALA B 219 13.01 9.63 7.94
CA ALA B 219 12.30 8.53 7.29
C ALA B 219 10.85 8.90 6.99
N GLY B 220 10.12 9.39 8.00
CA GLY B 220 8.72 9.71 7.80
C GLY B 220 8.49 10.76 6.74
N ASP B 221 9.39 11.74 6.66
CA ASP B 221 9.29 12.78 5.64
C ASP B 221 9.37 12.18 4.24
N VAL B 222 10.37 11.31 4.02
CA VAL B 222 10.53 10.69 2.70
C VAL B 222 9.35 9.78 2.39
N TRP B 223 8.83 9.07 3.39
CA TRP B 223 7.70 8.19 3.15
C TRP B 223 6.44 8.97 2.78
N GLN B 224 6.21 10.10 3.46
CA GLN B 224 5.07 10.93 3.12
C GLN B 224 5.23 11.57 1.74
N ALA B 225 6.47 11.92 1.37
CA ALA B 225 6.72 12.38 0.00
C ALA B 225 6.39 11.29 -1.01
N SER B 226 6.75 10.05 -0.70
CA SER B 226 6.47 8.94 -1.61
C SER B 226 4.97 8.70 -1.76
N ASN B 227 4.22 8.79 -0.66
CA ASN B 227 2.78 8.61 -0.75
C ASN B 227 2.10 9.79 -1.46
N ARG B 228 2.64 11.00 -1.29
CA ARG B 228 2.12 12.15 -2.02
C ARG B 228 2.36 12.00 -3.52
N ALA B 229 3.53 11.47 -3.90
CA ALA B 229 3.76 11.18 -5.31
C ALA B 229 2.87 10.05 -5.81
N LYS B 230 2.57 9.07 -4.95
CA LYS B 230 1.69 7.98 -5.33
C LYS B 230 0.28 8.50 -5.60
N GLU B 231 -0.18 9.46 -4.79
CA GLU B 231 -1.52 10.02 -4.98
C GLU B 231 -1.58 11.01 -6.14
N ALA B 232 -0.45 11.60 -6.53
CA ALA B 232 -0.42 12.67 -7.52
C ALA B 232 -0.38 12.17 -8.96
N LYS B 233 -0.20 10.87 -9.18
CA LYS B 233 -0.23 10.27 -10.52
C LYS B 233 0.91 10.78 -11.40
N ASN B 234 2.03 11.18 -10.80
CA ASN B 234 3.16 11.69 -11.57
C ASN B 234 4.15 10.61 -11.99
N GLY B 235 4.16 9.46 -11.31
CA GLY B 235 4.97 8.34 -11.72
C GLY B 235 6.40 8.33 -11.23
N VAL B 236 6.78 9.26 -10.36
CA VAL B 236 8.12 9.29 -9.79
C VAL B 236 8.10 8.51 -8.48
N ASN B 237 9.03 7.57 -8.32
CA ASN B 237 9.15 6.77 -7.10
C ASN B 237 10.34 7.28 -6.29
N VAL B 238 10.05 7.91 -5.16
CA VAL B 238 11.08 8.26 -4.20
C VAL B 238 11.14 7.18 -3.13
N SER B 239 12.36 6.77 -2.79
CA SER B 239 12.59 5.68 -1.85
C SER B 239 13.54 6.16 -0.76
N PHE B 240 13.48 5.45 0.37
CA PHE B 240 14.28 5.78 1.54
C PHE B 240 15.22 4.64 1.85
N SER B 241 16.48 4.98 2.17
CA SER B 241 17.52 3.99 2.42
C SER B 241 18.26 4.34 3.69
N ILE B 242 18.43 3.34 4.55
CA ILE B 242 19.33 3.40 5.70
C ILE B 242 20.65 2.78 5.30
N PRO B 243 21.70 3.56 5.08
CA PRO B 243 22.93 3.02 4.48
C PRO B 243 23.62 1.99 5.36
N LYS B 244 24.51 1.23 4.73
CA LYS B 244 25.18 0.13 5.43
C LYS B 244 26.14 0.64 6.49
N GLU B 245 26.70 1.83 6.32
CA GLU B 245 27.62 2.39 7.30
C GLU B 245 26.92 2.84 8.58
N GLY B 246 25.60 2.78 8.63
CA GLY B 246 24.83 3.22 9.79
C GLY B 246 24.13 4.54 9.51
N ALA B 247 23.37 4.97 10.52
CA ALA B 247 22.64 6.23 10.45
C ALA B 247 22.27 6.64 11.86
N MET B 248 21.90 7.92 11.99
CA MET B 248 21.41 8.43 13.27
C MET B 248 19.98 7.95 13.49
N ALA B 249 19.71 7.43 14.67
CA ALA B 249 18.37 6.98 15.05
C ALA B 249 17.84 7.88 16.17
N PHE B 250 16.55 8.20 16.08
CA PHE B 250 15.86 8.95 17.12
C PHE B 250 14.62 8.18 17.54
N PHE B 251 14.18 8.44 18.77
CA PHE B 251 13.12 7.64 19.37
C PHE B 251 12.03 8.54 19.94
N ASP B 252 10.78 8.15 19.72
CA ASP B 252 9.67 8.61 20.52
C ASP B 252 9.45 7.63 21.65
N VAL B 253 9.10 8.14 22.83
CA VAL B 253 9.00 7.31 24.02
C VAL B 253 7.73 7.65 24.78
N PHE B 254 7.17 6.65 25.45
CA PHE B 254 6.10 6.85 26.41
C PHE B 254 6.70 7.16 27.78
N ALA B 255 6.13 8.15 28.45
CA ALA B 255 6.58 8.54 29.78
C ALA B 255 5.39 9.12 30.54
N MET B 256 5.50 9.13 31.86
CA MET B 256 4.41 9.60 32.68
C MET B 256 4.80 10.85 33.45
N PRO B 257 3.92 11.84 33.54
CA PRO B 257 4.23 13.05 34.31
C PRO B 257 4.34 12.76 35.80
N ALA B 258 5.00 13.68 36.51
CA ALA B 258 5.25 13.51 37.93
C ALA B 258 3.97 13.60 38.76
N ASP B 259 2.95 14.30 38.25
CA ASP B 259 1.69 14.49 38.98
C ASP B 259 0.57 13.61 38.42
N ALA B 260 0.91 12.41 37.95
CA ALA B 260 -0.09 11.53 37.35
C ALA B 260 -1.10 11.08 38.40
N LYS B 261 -2.38 11.20 38.07
CA LYS B 261 -3.43 10.80 38.99
C LYS B 261 -3.71 9.30 38.90
N ASN B 262 -3.62 8.73 37.72
CA ASN B 262 -3.94 7.33 37.47
C ASN B 262 -2.66 6.60 37.10
N LYS B 263 -1.86 6.28 38.13
CA LYS B 263 -0.61 5.55 37.91
C LYS B 263 -0.86 4.10 37.54
N ASP B 264 -1.80 3.44 38.23
CA ASP B 264 -2.09 2.03 37.96
C ASP B 264 -2.61 1.83 36.54
N GLU B 265 -3.52 2.71 36.11
CA GLU B 265 -4.04 2.65 34.74
C GLU B 265 -2.95 2.96 33.72
N ALA B 266 -2.06 3.90 34.05
CA ALA B 266 -0.93 4.17 33.17
C ALA B 266 -0.06 2.94 32.99
N TYR B 267 0.24 2.23 34.08
CA TYR B 267 1.04 1.02 33.97
C TYR B 267 0.29 -0.08 33.24
N GLN B 268 -1.03 -0.15 33.41
CA GLN B 268 -1.84 -1.08 32.63
C GLN B 268 -1.70 -0.79 31.14
N PHE B 269 -1.77 0.48 30.76
CA PHE B 269 -1.63 0.85 29.35
C PHE B 269 -0.24 0.55 28.83
N LEU B 270 0.79 0.77 29.65
CA LEU B 270 2.15 0.46 29.22
C LEU B 270 2.34 -1.04 29.00
N ASN B 271 1.78 -1.86 29.90
CA ASN B 271 1.86 -3.31 29.71
C ASN B 271 1.03 -3.75 28.50
N TYR B 272 -0.10 -3.09 28.25
CA TYR B 272 -0.87 -3.37 27.04
C TYR B 272 -0.05 -3.06 25.79
N LEU B 273 0.68 -1.94 25.80
CA LEU B 273 1.56 -1.61 24.69
C LEU B 273 2.75 -2.55 24.58
N LEU B 274 3.14 -3.19 25.68
CA LEU B 274 4.24 -4.15 25.64
C LEU B 274 3.83 -5.49 25.03
N ARG B 275 2.55 -5.75 24.85
CA ARG B 275 2.11 -6.97 24.17
C ARG B 275 2.56 -6.92 22.72
N PRO B 276 3.15 -7.99 22.19
CA PRO B 276 3.68 -7.92 20.82
C PRO B 276 2.64 -7.62 19.76
N ASP B 277 1.45 -8.23 19.86
CA ASP B 277 0.45 -8.05 18.80
C ASP B 277 -0.06 -6.61 18.76
N VAL B 278 -0.23 -5.98 19.92
CA VAL B 278 -0.76 -4.62 19.96
C VAL B 278 0.21 -3.65 19.28
N VAL B 279 1.48 -3.66 19.70
CA VAL B 279 2.45 -2.73 19.14
C VAL B 279 2.76 -3.10 17.69
N ALA B 280 2.63 -4.37 17.31
CA ALA B 280 2.80 -4.75 15.91
C ALA B 280 1.68 -4.19 15.05
N HIS B 281 0.44 -4.22 15.56
CA HIS B 281 -0.68 -3.60 14.85
C HIS B 281 -0.46 -2.10 14.71
N ILE B 282 0.03 -1.46 15.77
CA ILE B 282 0.33 -0.04 15.70
C ILE B 282 1.38 0.23 14.63
N SER B 283 2.42 -0.62 14.56
CA SER B 283 3.44 -0.46 13.52
C SER B 283 2.84 -0.64 12.13
N ASP B 284 1.92 -1.60 11.98
CA ASP B 284 1.23 -1.79 10.71
C ASP B 284 0.49 -0.52 10.30
N HIS B 285 -0.10 0.18 11.27
CA HIS B 285 -0.85 1.38 10.92
C HIS B 285 0.08 2.56 10.62
N VAL B 286 1.05 2.82 11.49
CA VAL B 286 1.85 4.05 11.40
C VAL B 286 3.06 3.93 10.49
N PHE B 287 3.44 2.72 10.09
CA PHE B 287 4.62 2.48 9.25
C PHE B 287 5.90 2.98 9.92
N TYR B 288 6.03 2.69 11.21
CA TYR B 288 7.26 2.92 11.96
C TYR B 288 7.67 1.62 12.62
N ALA B 289 8.98 1.43 12.75
CA ALA B 289 9.50 0.28 13.47
C ALA B 289 9.37 0.51 14.97
N ASN B 290 8.87 -0.48 15.70
CA ASN B 290 8.76 -0.40 17.14
C ASN B 290 10.02 -0.94 17.80
N ALA B 291 10.10 -0.77 19.12
CA ALA B 291 11.24 -1.24 19.90
C ALA B 291 10.96 -2.58 20.59
N ASN B 292 9.95 -3.31 20.13
CA ASN B 292 9.57 -4.59 20.71
C ASN B 292 10.15 -5.69 19.83
N LYS B 293 11.11 -6.45 20.36
CA LYS B 293 11.73 -7.51 19.58
C LYS B 293 10.76 -8.67 19.35
N ALA B 294 9.92 -8.96 20.33
CA ALA B 294 8.96 -10.06 20.19
C ALA B 294 7.86 -9.74 19.19
N ALA B 295 7.65 -8.47 18.86
CA ALA B 295 6.56 -8.06 17.98
C ALA B 295 6.93 -8.10 16.50
N THR B 296 8.22 -8.23 16.18
CA THR B 296 8.64 -8.16 14.78
C THR B 296 7.99 -9.23 13.90
N PRO B 297 7.95 -10.52 14.27
CA PRO B 297 7.31 -11.51 13.38
C PRO B 297 5.83 -11.24 13.14
N LEU B 298 5.17 -10.50 14.03
CA LEU B 298 3.75 -10.21 13.89
C LEU B 298 3.46 -8.98 13.04
N VAL B 299 4.47 -8.15 12.78
CA VAL B 299 4.28 -7.00 11.91
C VAL B 299 4.07 -7.48 10.47
N SER B 300 3.16 -6.82 9.75
CA SER B 300 2.87 -7.20 8.38
C SER B 300 4.13 -7.13 7.52
N ALA B 301 4.19 -7.99 6.52
CA ALA B 301 5.38 -8.11 5.69
C ALA B 301 5.71 -6.80 4.98
N GLU B 302 4.68 -6.00 4.64
CA GLU B 302 4.91 -4.72 3.98
C GLU B 302 5.78 -3.81 4.83
N VAL B 303 5.64 -3.87 6.15
CA VAL B 303 6.46 -3.07 7.04
C VAL B 303 7.68 -3.83 7.53
N ARG B 304 7.51 -5.12 7.85
CA ARG B 304 8.60 -5.91 8.42
C ARG B 304 9.73 -6.11 7.43
N GLU B 305 9.40 -6.30 6.14
CA GLU B 305 10.39 -6.62 5.13
C GLU B 305 10.88 -5.40 4.36
N ASN B 306 10.52 -4.20 4.79
CA ASN B 306 11.09 -2.99 4.22
C ASN B 306 12.41 -2.69 4.91
N PRO B 307 13.54 -2.78 4.18
CA PRO B 307 14.84 -2.51 4.83
C PRO B 307 14.97 -1.08 5.32
N GLY B 308 14.31 -0.13 4.68
CA GLY B 308 14.30 1.24 5.14
C GLY B 308 13.49 1.48 6.39
N ILE B 309 12.82 0.46 6.93
CA ILE B 309 12.07 0.55 8.18
C ILE B 309 12.60 -0.42 9.22
N TYR B 310 12.72 -1.70 8.86
CA TYR B 310 13.32 -2.71 9.73
C TYR B 310 14.64 -3.15 9.14
N PRO B 311 15.73 -2.43 9.41
CA PRO B 311 17.01 -2.73 8.79
C PRO B 311 17.57 -4.05 9.29
N PRO B 312 18.47 -4.69 8.53
CA PRO B 312 19.07 -5.94 9.00
C PRO B 312 19.96 -5.75 10.22
N ALA B 313 20.53 -6.84 10.73
CA ALA B 313 21.28 -6.77 11.98
C ALA B 313 22.60 -6.03 11.82
N ASP B 314 23.26 -6.18 10.67
CA ASP B 314 24.55 -5.53 10.47
C ASP B 314 24.40 -4.01 10.44
N VAL B 315 23.32 -3.51 9.85
CA VAL B 315 23.06 -2.08 9.84
C VAL B 315 22.59 -1.61 11.22
N ARG B 316 21.81 -2.43 11.92
CA ARG B 316 21.37 -2.08 13.26
C ARG B 316 22.55 -1.95 14.22
N ALA B 317 23.60 -2.76 14.01
CA ALA B 317 24.78 -2.67 14.87
C ALA B 317 25.53 -1.36 14.69
N LYS B 318 25.30 -0.63 13.60
CA LYS B 318 26.01 0.61 13.33
C LYS B 318 25.15 1.85 13.53
N LEU B 319 23.92 1.71 14.01
CA LEU B 319 23.10 2.87 14.31
C LEU B 319 23.68 3.61 15.52
N PHE B 320 23.30 4.88 15.64
CA PHE B 320 23.72 5.70 16.76
C PHE B 320 22.67 6.77 17.03
N THR B 321 22.72 7.34 18.21
CA THR B 321 21.85 8.44 18.60
C THR B 321 22.69 9.67 18.87
N LEU B 322 22.05 10.84 18.78
CA LEU B 322 22.73 12.11 18.96
C LEU B 322 22.86 12.42 20.44
N LYS B 323 24.08 12.53 20.94
CA LYS B 323 24.34 12.85 22.32
C LYS B 323 24.37 14.37 22.52
N VAL B 324 23.99 14.81 23.72
CA VAL B 324 24.00 16.22 24.05
C VAL B 324 25.44 16.66 24.30
N GLN B 325 25.84 17.75 23.65
CA GLN B 325 27.21 18.24 23.72
C GLN B 325 27.33 19.39 24.70
N ASP B 326 28.58 19.67 25.09
CA ASP B 326 28.88 20.90 25.81
C ASP B 326 28.51 22.09 24.93
N PRO B 327 28.03 23.19 25.54
CA PRO B 327 27.66 24.37 24.75
C PRO B 327 28.77 24.89 23.85
N LYS B 328 30.04 24.70 24.25
CA LYS B 328 31.16 25.10 23.39
C LYS B 328 31.11 24.36 22.05
N ILE B 329 30.89 23.04 22.10
CA ILE B 329 30.79 22.26 20.88
C ILE B 329 29.58 22.71 20.06
N ASP B 330 28.50 23.12 20.74
CA ASP B 330 27.31 23.59 20.02
C ASP B 330 27.61 24.88 19.26
N ARG B 331 28.31 25.82 19.90
CA ARG B 331 28.66 27.06 19.21
C ARG B 331 29.62 26.80 18.06
N VAL B 332 30.60 25.91 18.27
CA VAL B 332 31.52 25.56 17.20
C VAL B 332 30.76 24.96 16.01
N ARG B 333 29.82 24.07 16.30
CA ARG B 333 29.03 23.44 15.23
C ARG B 333 28.18 24.47 14.49
N THR B 334 27.56 25.40 15.21
CA THR B 334 26.75 26.42 14.55
C THR B 334 27.60 27.28 13.63
N ARG B 335 28.77 27.71 14.11
CA ARG B 335 29.64 28.54 13.27
C ARG B 335 30.14 27.76 12.05
N ALA B 336 30.52 26.49 12.24
CA ALA B 336 31.00 25.69 11.12
C ALA B 336 29.89 25.46 10.10
N TRP B 337 28.66 25.27 10.57
CA TRP B 337 27.53 25.08 9.65
C TRP B 337 27.25 26.36 8.87
N THR B 338 27.31 27.51 9.54
CA THR B 338 27.16 28.78 8.83
C THR B 338 28.25 28.95 7.77
N LYS B 339 29.48 28.52 8.09
CA LYS B 339 30.56 28.59 7.10
C LYS B 339 30.29 27.67 5.91
N VAL B 340 29.86 26.44 6.19
CA VAL B 340 29.60 25.49 5.11
C VAL B 340 28.48 25.98 4.20
N LYS B 341 27.43 26.56 4.79
CA LYS B 341 26.30 27.02 4.00
C LYS B 341 26.60 28.29 3.20
N SER B 342 27.76 28.91 3.41
CA SER B 342 28.10 30.15 2.73
C SER B 342 28.64 29.92 1.33
N GLY B 343 28.70 28.68 0.86
CA GLY B 343 29.21 28.38 -0.46
C GLY B 343 28.15 28.46 -1.55
#